data_3CAP
#
_entry.id   3CAP
#
_cell.length_a   242.917
_cell.length_b   242.918
_cell.length_c   110.420
_cell.angle_alpha   90.00
_cell.angle_beta   90.00
_cell.angle_gamma   120.00
#
_symmetry.space_group_name_H-M   'H 3'
#
loop_
_entity.id
_entity.type
_entity.pdbx_description
1 polymer Rhodopsin
2 branched beta-D-mannopyranose-(1-3)-beta-D-mannopyranose-(1-4)-2-acetamido-2-deoxy-beta-D-glucopyranose-(1-4)-2-acetamido-2-deoxy-beta-D-glucopyranose
3 branched 2-acetamido-2-deoxy-beta-D-glucopyranose-(1-4)-2-acetamido-2-deoxy-beta-D-glucopyranose
4 non-polymer 2-O-octyl-beta-D-glucopyranose
5 non-polymer 'PALMITIC ACID'
6 water water
#
_entity_poly.entity_id   1
_entity_poly.type   'polypeptide(L)'
_entity_poly.pdbx_seq_one_letter_code
;MNGTEGPNFYVPFSNKTGVVRSPFEAPQYYLAEPWQFSMLAAYMFLLIMLGFPINFLTLYVTVQHKKLRTPLNYILLNLA
VADLFMVFGGFTTTLYTSLHGYFVFGPTGCNLEGFFATLGGEIALWSLVVLAIERYVVVCKPMSNFRFGENHAIMGVAFT
WVMALACAAPPLVGWSRYIPEGMQCSCGIDYYTPHEETNNESFVIYMFVVHFIIPLIVIFFCYGQLVFTVKEAAAQQQES
ATTQKAEKEVTRMVIIMVIAFLICWLPYAGVAFYIFTHQGSDFGPIFMTIPAFFAKTSAVYNPVIYIMMNKQFRNCMVTT
LCCGKNPLGDDEASTTVSKTETSQVAPA
;
_entity_poly.pdbx_strand_id   A,B
#
loop_
_chem_comp.id
_chem_comp.type
_chem_comp.name
_chem_comp.formula
BGL D-saccharide, beta linking 2-O-octyl-beta-D-glucopyranose 'C14 H28 O6'
BMA D-saccharide, beta linking beta-D-mannopyranose 'C6 H12 O6'
NAG D-saccharide, beta linking 2-acetamido-2-deoxy-beta-D-glucopyranose 'C8 H15 N O6'
PLM non-polymer 'PALMITIC ACID' 'C16 H32 O2'
#
# COMPACT_ATOMS: atom_id res chain seq x y z
N MET A 1 17.78 2.23 36.86
CA MET A 1 16.41 2.32 36.32
C MET A 1 16.44 2.95 34.93
N ASN A 2 15.66 2.39 34.02
CA ASN A 2 15.77 2.73 32.62
C ASN A 2 14.64 3.65 32.16
N GLY A 3 13.63 3.80 33.01
CA GLY A 3 12.52 4.69 32.68
C GLY A 3 12.53 5.98 33.48
N THR A 4 11.60 6.87 33.13
CA THR A 4 11.34 8.05 33.92
C THR A 4 9.81 8.26 34.02
N GLU A 5 9.27 8.15 35.24
CA GLU A 5 7.82 8.17 35.46
C GLU A 5 7.23 9.56 35.65
N GLY A 6 6.07 9.76 35.04
CA GLY A 6 5.32 10.98 35.21
C GLY A 6 3.99 10.60 35.84
N PRO A 7 3.14 11.59 36.13
CA PRO A 7 1.88 11.24 36.78
C PRO A 7 0.94 10.49 35.85
N ASN A 8 0.94 10.85 34.56
CA ASN A 8 0.09 10.13 33.61
C ASN A 8 0.81 9.28 32.59
N PHE A 9 2.05 8.90 32.88
CA PHE A 9 2.84 8.29 31.84
C PHE A 9 4.13 7.63 32.31
N TYR A 10 4.74 6.88 31.41
CA TYR A 10 6.01 6.23 31.63
C TYR A 10 6.83 6.30 30.35
N VAL A 11 7.75 7.24 30.29
CA VAL A 11 8.69 7.32 29.19
C VAL A 11 9.79 6.30 29.46
N PRO A 12 9.97 5.34 28.54
CA PRO A 12 11.00 4.32 28.67
C PRO A 12 12.39 4.87 28.29
N PHE A 13 12.87 5.84 29.05
CA PHE A 13 14.20 6.36 28.86
C PHE A 13 14.66 6.95 30.20
N SER A 14 15.96 7.13 30.38
CA SER A 14 16.43 7.57 31.68
C SER A 14 16.76 9.05 31.75
N ASN A 15 16.21 9.68 32.77
CA ASN A 15 16.38 11.10 32.94
C ASN A 15 17.68 11.47 33.66
N LYS A 16 18.64 10.54 33.71
CA LYS A 16 19.91 10.84 34.36
C LYS A 16 20.53 12.08 33.71
N THR A 17 20.24 12.27 32.43
CA THR A 17 20.78 13.40 31.68
C THR A 17 19.82 14.58 31.70
N GLY A 18 18.65 14.35 32.25
CA GLY A 18 17.67 15.41 32.47
C GLY A 18 16.98 15.91 31.23
N VAL A 19 17.10 15.15 30.14
CA VAL A 19 16.54 15.56 28.84
C VAL A 19 15.11 15.07 28.62
N VAL A 20 14.64 14.14 29.44
CA VAL A 20 13.30 13.57 29.29
C VAL A 20 12.24 14.65 29.54
N ARG A 21 11.27 14.75 28.63
CA ARG A 21 10.12 15.63 28.80
C ARG A 21 8.86 14.77 28.76
N SER A 22 7.76 15.30 29.27
CA SER A 22 6.47 14.63 29.18
C SER A 22 6.08 14.30 27.73
N PRO A 23 5.49 13.12 27.51
CA PRO A 23 5.05 12.74 26.17
C PRO A 23 3.79 13.53 25.75
N PHE A 24 3.24 14.31 26.67
CA PHE A 24 2.13 15.17 26.36
C PHE A 24 2.58 16.61 26.05
N GLU A 25 3.85 16.93 26.24
CA GLU A 25 4.26 18.33 26.20
C GLU A 25 5.36 18.68 25.21
N ALA A 26 6.20 17.72 24.83
CA ALA A 26 7.32 18.03 23.95
C ALA A 26 7.84 16.80 23.22
N PRO A 27 8.46 17.00 22.05
CA PRO A 27 8.93 15.91 21.20
C PRO A 27 9.80 14.94 21.98
N GLN A 28 9.85 13.70 21.55
CA GLN A 28 10.63 12.70 22.25
C GLN A 28 11.83 12.31 21.42
N TYR A 29 12.43 13.27 20.73
CA TYR A 29 13.51 12.92 19.80
C TYR A 29 14.76 12.34 20.47
N TYR A 30 14.73 12.21 21.80
CA TYR A 30 15.86 11.62 22.55
C TYR A 30 15.71 10.12 22.76
N LEU A 31 14.55 9.57 22.44
CA LEU A 31 14.37 8.15 22.64
C LEU A 31 14.23 7.49 21.28
N ALA A 32 14.23 8.30 20.23
CA ALA A 32 14.23 7.80 18.85
C ALA A 32 14.52 8.97 17.94
N GLU A 33 15.38 8.73 16.94
CA GLU A 33 15.73 9.77 15.98
C GLU A 33 14.48 10.28 15.31
N PRO A 34 14.46 11.57 14.98
CA PRO A 34 13.32 12.03 14.22
C PRO A 34 13.11 11.27 12.88
N TRP A 35 14.14 10.69 12.27
CA TRP A 35 13.84 9.97 11.02
C TRP A 35 13.00 8.74 11.31
N GLN A 36 13.08 8.27 12.55
CA GLN A 36 12.33 7.08 12.90
C GLN A 36 10.89 7.43 13.16
N PHE A 37 10.65 8.64 13.65
CA PHE A 37 9.28 9.11 13.80
C PHE A 37 8.64 9.26 12.42
N SER A 38 9.44 9.69 11.45
CA SER A 38 8.98 9.74 10.07
C SER A 38 8.54 8.38 9.58
N MET A 39 9.31 7.33 9.87
CA MET A 39 8.90 5.98 9.44
C MET A 39 7.70 5.55 10.25
N LEU A 40 7.61 5.94 11.52
CA LEU A 40 6.42 5.61 12.24
C LEU A 40 5.27 6.10 11.37
N ALA A 41 5.43 7.30 10.85
CA ALA A 41 4.37 7.93 10.06
C ALA A 41 4.14 7.17 8.74
N ALA A 42 5.22 6.94 8.01
CA ALA A 42 5.10 6.19 6.77
C ALA A 42 4.24 4.93 7.00
N TYR A 43 4.48 4.25 8.12
CA TYR A 43 3.75 3.04 8.40
C TYR A 43 2.25 3.30 8.58
N MET A 44 1.91 4.26 9.45
CA MET A 44 0.52 4.62 9.66
C MET A 44 -0.17 5.00 8.34
N PHE A 45 0.61 5.60 7.45
CA PHE A 45 0.08 6.09 6.20
C PHE A 45 -0.24 4.88 5.33
N LEU A 46 0.68 3.93 5.26
CA LEU A 46 0.45 2.67 4.56
C LEU A 46 -0.80 1.97 5.08
N LEU A 47 -0.91 1.82 6.41
CA LEU A 47 -2.07 1.22 7.03
C LEU A 47 -3.39 1.90 6.65
N ILE A 48 -3.40 3.22 6.59
CA ILE A 48 -4.56 3.97 6.12
C ILE A 48 -4.84 3.76 4.61
N MET A 49 -3.84 4.06 3.77
CA MET A 49 -4.05 3.93 2.34
C MET A 49 -4.50 2.51 1.94
N LEU A 50 -4.08 1.49 2.67
CA LEU A 50 -4.58 0.14 2.38
C LEU A 50 -5.85 -0.13 3.19
N GLY A 51 -5.76 0.02 4.50
CA GLY A 51 -6.87 -0.31 5.40
C GLY A 51 -8.23 0.32 5.12
N PHE A 52 -8.23 1.60 4.77
CA PHE A 52 -9.48 2.29 4.55
C PHE A 52 -10.19 1.76 3.32
N PRO A 53 -9.53 1.82 2.17
CA PRO A 53 -10.20 1.34 0.96
C PRO A 53 -10.62 -0.14 1.11
N ILE A 54 -9.71 -1.02 1.49
CA ILE A 54 -10.06 -2.42 1.69
C ILE A 54 -11.30 -2.54 2.58
N ASN A 55 -11.26 -1.98 3.79
CA ASN A 55 -12.42 -2.12 4.68
C ASN A 55 -13.69 -1.36 4.25
N PHE A 56 -13.51 -0.26 3.51
CA PHE A 56 -14.66 0.52 3.06
C PHE A 56 -15.34 -0.20 1.91
N LEU A 57 -14.56 -0.47 0.88
CA LEU A 57 -15.05 -1.22 -0.26
C LEU A 57 -15.93 -2.38 0.21
N THR A 58 -15.54 -3.01 1.31
CA THR A 58 -16.30 -4.14 1.85
C THR A 58 -17.73 -3.80 2.21
N LEU A 59 -17.94 -2.74 2.98
CA LEU A 59 -19.30 -2.31 3.33
C LEU A 59 -20.06 -1.90 2.08
N TYR A 60 -19.40 -1.13 1.24
CA TYR A 60 -20.02 -0.55 0.05
C TYR A 60 -20.50 -1.65 -0.89
N VAL A 61 -19.69 -2.66 -1.10
CA VAL A 61 -20.08 -3.75 -2.00
C VAL A 61 -21.28 -4.53 -1.44
N THR A 62 -21.31 -4.78 -0.13
CA THR A 62 -22.47 -5.44 0.46
C THR A 62 -23.74 -4.64 0.18
N VAL A 63 -23.67 -3.34 0.39
CA VAL A 63 -24.81 -2.46 0.15
C VAL A 63 -25.34 -2.59 -1.28
N GLN A 64 -24.48 -2.96 -2.23
CA GLN A 64 -24.88 -3.10 -3.63
C GLN A 64 -25.27 -4.50 -4.07
N HIS A 65 -24.60 -5.51 -3.54
CA HIS A 65 -24.82 -6.90 -3.98
C HIS A 65 -25.61 -7.71 -2.96
N LYS A 66 -26.85 -8.06 -3.28
CA LYS A 66 -27.72 -8.63 -2.25
C LYS A 66 -27.37 -10.04 -1.77
N LYS A 67 -26.79 -10.86 -2.63
CA LYS A 67 -26.42 -12.20 -2.18
C LYS A 67 -25.35 -12.15 -1.06
N LEU A 68 -24.61 -11.05 -0.97
CA LEU A 68 -23.63 -10.92 0.13
C LEU A 68 -24.30 -10.70 1.47
N ARG A 69 -25.59 -10.39 1.47
CA ARG A 69 -26.29 -10.00 2.70
C ARG A 69 -26.93 -11.13 3.51
N THR A 70 -26.16 -12.17 3.80
CA THR A 70 -26.60 -13.29 4.63
C THR A 70 -26.39 -12.95 6.11
N PRO A 71 -27.14 -13.62 7.00
CA PRO A 71 -26.89 -13.43 8.43
C PRO A 71 -25.47 -13.89 8.81
N LEU A 72 -24.97 -14.93 8.15
CA LEU A 72 -23.61 -15.44 8.39
C LEU A 72 -22.49 -14.50 7.86
N ASN A 73 -22.87 -13.49 7.08
CA ASN A 73 -21.92 -12.47 6.68
C ASN A 73 -21.92 -11.27 7.62
N TYR A 74 -22.98 -11.13 8.42
CA TYR A 74 -23.09 -10.00 9.35
C TYR A 74 -21.77 -9.75 10.10
N ILE A 75 -21.21 -10.80 10.68
CA ILE A 75 -20.02 -10.68 11.51
C ILE A 75 -18.82 -10.19 10.70
N LEU A 76 -18.79 -10.48 9.41
CA LEU A 76 -17.72 -9.97 8.58
C LEU A 76 -17.91 -8.48 8.32
N LEU A 77 -19.16 -8.04 8.20
CA LEU A 77 -19.42 -6.59 8.18
C LEU A 77 -18.87 -6.01 9.47
N ASN A 78 -19.27 -6.61 10.59
CA ASN A 78 -18.79 -6.17 11.90
C ASN A 78 -17.28 -6.00 11.92
N LEU A 79 -16.60 -6.98 11.35
CA LEU A 79 -15.14 -6.95 11.25
C LEU A 79 -14.63 -5.68 10.56
N ALA A 80 -15.20 -5.36 9.41
CA ALA A 80 -14.75 -4.21 8.63
C ALA A 80 -14.99 -2.91 9.38
N VAL A 81 -16.12 -2.82 10.07
CA VAL A 81 -16.42 -1.65 10.89
C VAL A 81 -15.30 -1.50 11.92
N ALA A 82 -14.98 -2.59 12.59
CA ALA A 82 -14.02 -2.52 13.67
C ALA A 82 -12.67 -2.15 13.09
N ASP A 83 -12.32 -2.71 11.94
CA ASP A 83 -11.11 -2.29 11.24
C ASP A 83 -11.12 -0.78 10.99
N LEU A 84 -12.26 -0.23 10.65
CA LEU A 84 -12.31 1.21 10.41
C LEU A 84 -12.04 2.00 11.70
N PHE A 85 -12.68 1.63 12.81
CA PHE A 85 -12.35 2.26 14.09
C PHE A 85 -10.82 2.29 14.28
N MET A 86 -10.17 1.16 14.07
CA MET A 86 -8.72 1.09 14.15
C MET A 86 -8.03 2.14 13.26
N VAL A 87 -8.55 2.31 12.04
CA VAL A 87 -8.01 3.34 11.16
C VAL A 87 -8.25 4.78 11.64
N PHE A 88 -9.50 5.15 11.89
CA PHE A 88 -9.79 6.54 12.22
C PHE A 88 -9.55 6.90 13.68
N GLY A 89 -9.69 5.93 14.58
CA GLY A 89 -9.38 6.18 15.98
C GLY A 89 -7.90 6.04 16.27
N GLY A 90 -7.25 5.06 15.65
CA GLY A 90 -5.85 4.81 15.91
C GLY A 90 -4.88 5.39 14.88
N PHE A 91 -4.83 4.78 13.70
CA PHE A 91 -3.83 5.11 12.68
C PHE A 91 -3.67 6.62 12.36
N THR A 92 -4.76 7.30 12.03
CA THR A 92 -4.69 8.71 11.66
C THR A 92 -4.17 9.55 12.82
N THR A 93 -4.79 9.39 13.99
CA THR A 93 -4.26 10.02 15.21
C THR A 93 -2.73 9.82 15.31
N THR A 94 -2.27 8.58 15.19
CA THR A 94 -0.83 8.35 15.26
C THR A 94 -0.04 9.02 14.13
N LEU A 95 -0.62 9.08 12.94
CA LEU A 95 0.02 9.79 11.85
C LEU A 95 0.30 11.21 12.26
N TYR A 96 -0.66 11.78 12.96
CA TYR A 96 -0.62 13.19 13.27
C TYR A 96 0.37 13.46 14.40
N THR A 97 0.26 12.67 15.46
CA THR A 97 1.23 12.74 16.56
C THR A 97 2.69 12.37 16.12
N SER A 98 2.89 11.25 15.44
CA SER A 98 4.26 10.92 15.03
C SER A 98 4.97 12.11 14.39
N LEU A 99 4.23 12.90 13.61
CA LEU A 99 4.82 14.04 12.91
C LEU A 99 5.13 15.23 13.85
N HIS A 100 4.50 15.28 15.01
CA HIS A 100 4.88 16.23 16.06
C HIS A 100 6.00 15.68 16.98
N GLY A 101 6.14 14.37 17.05
CA GLY A 101 7.16 13.77 17.89
C GLY A 101 6.67 13.45 19.29
N TYR A 102 5.38 13.64 19.54
CA TYR A 102 4.82 13.30 20.85
C TYR A 102 3.32 13.40 20.80
N PHE A 103 2.67 13.04 21.90
CA PHE A 103 1.21 12.91 21.91
C PHE A 103 0.51 14.24 22.20
N VAL A 104 0.40 15.03 21.15
CA VAL A 104 -0.11 16.39 21.20
C VAL A 104 -1.58 16.56 21.65
N PHE A 105 -2.26 15.51 22.08
CA PHE A 105 -3.64 15.70 22.54
C PHE A 105 -3.82 15.49 24.04
N GLY A 106 -2.73 15.31 24.79
CA GLY A 106 -2.82 15.17 26.25
C GLY A 106 -3.58 13.97 26.80
N PRO A 107 -3.67 13.88 28.13
CA PRO A 107 -4.31 12.77 28.86
C PRO A 107 -5.66 12.35 28.27
N THR A 108 -6.62 13.27 28.22
CA THR A 108 -7.94 12.95 27.70
C THR A 108 -7.83 12.42 26.28
N GLY A 109 -6.99 13.06 25.47
CA GLY A 109 -6.72 12.57 24.12
C GLY A 109 -6.23 11.13 24.19
N CYS A 110 -5.23 10.90 25.05
CA CYS A 110 -4.76 9.56 25.35
C CYS A 110 -5.93 8.61 25.57
N ASN A 111 -6.81 8.92 26.52
CA ASN A 111 -7.96 8.05 26.78
C ASN A 111 -8.84 7.83 25.57
N LEU A 112 -9.27 8.92 24.95
CA LEU A 112 -10.11 8.83 23.76
C LEU A 112 -9.50 7.90 22.74
N GLU A 113 -8.29 8.24 22.33
CA GLU A 113 -7.61 7.46 21.31
C GLU A 113 -7.44 6.01 21.80
N GLY A 114 -6.84 5.84 22.97
CA GLY A 114 -6.67 4.50 23.52
C GLY A 114 -7.95 3.69 23.56
N PHE A 115 -9.04 4.31 24.01
CA PHE A 115 -10.33 3.62 24.01
C PHE A 115 -10.71 3.12 22.60
N PHE A 116 -11.00 4.04 21.69
CA PHE A 116 -11.42 3.64 20.35
C PHE A 116 -10.44 2.68 19.67
N ALA A 117 -9.15 2.89 19.91
CA ALA A 117 -8.16 2.02 19.30
C ALA A 117 -8.26 0.57 19.83
N THR A 118 -8.41 0.39 21.14
CA THR A 118 -8.52 -0.97 21.64
C THR A 118 -9.93 -1.50 21.37
N LEU A 119 -10.93 -0.63 21.44
CA LEU A 119 -12.30 -1.07 21.18
C LEU A 119 -12.33 -1.75 19.83
N GLY A 120 -11.62 -1.17 18.86
CA GLY A 120 -11.59 -1.69 17.50
C GLY A 120 -10.94 -3.06 17.39
N GLY A 121 -9.65 -3.09 17.71
CA GLY A 121 -8.89 -4.32 17.71
C GLY A 121 -9.61 -5.44 18.44
N GLU A 122 -10.31 -5.11 19.53
CA GLU A 122 -11.04 -6.13 20.33
C GLU A 122 -12.34 -6.59 19.67
N ILE A 123 -13.09 -5.67 19.07
CA ILE A 123 -14.29 -6.10 18.35
C ILE A 123 -13.83 -7.00 17.21
N ALA A 124 -12.81 -6.56 16.48
CA ALA A 124 -12.26 -7.38 15.40
C ALA A 124 -11.91 -8.78 15.91
N LEU A 125 -11.15 -8.86 16.99
CA LEU A 125 -10.79 -10.14 17.59
C LEU A 125 -12.01 -11.02 17.84
N TRP A 126 -12.90 -10.56 18.71
CA TRP A 126 -14.07 -11.36 19.02
C TRP A 126 -14.95 -11.61 17.81
N SER A 127 -14.75 -10.83 16.76
CA SER A 127 -15.47 -11.11 15.54
C SER A 127 -14.91 -12.41 14.97
N LEU A 128 -13.59 -12.53 14.92
CA LEU A 128 -12.98 -13.74 14.41
C LEU A 128 -13.41 -14.95 15.22
N VAL A 129 -13.75 -14.71 16.49
CA VAL A 129 -14.10 -15.79 17.40
C VAL A 129 -15.52 -16.20 17.16
N VAL A 130 -16.41 -15.22 17.16
CA VAL A 130 -17.81 -15.48 16.88
C VAL A 130 -17.93 -16.21 15.54
N LEU A 131 -17.33 -15.66 14.48
CA LEU A 131 -17.34 -16.31 13.19
C LEU A 131 -17.13 -17.81 13.31
N ALA A 132 -16.10 -18.21 14.07
CA ALA A 132 -15.82 -19.64 14.21
C ALA A 132 -16.94 -20.38 14.96
N ILE A 133 -17.42 -19.83 16.07
CA ILE A 133 -18.53 -20.48 16.75
C ILE A 133 -19.65 -20.71 15.72
N GLU A 134 -20.05 -19.64 15.07
CA GLU A 134 -21.09 -19.73 14.04
C GLU A 134 -20.78 -20.83 13.02
N ARG A 135 -19.66 -20.74 12.32
CA ARG A 135 -19.29 -21.77 11.31
C ARG A 135 -19.35 -23.21 11.83
N TYR A 136 -18.68 -23.43 12.95
CA TYR A 136 -18.73 -24.70 13.67
C TYR A 136 -20.18 -25.12 13.87
N VAL A 137 -20.95 -24.28 14.55
CA VAL A 137 -22.36 -24.56 14.78
C VAL A 137 -23.12 -25.02 13.52
N VAL A 138 -23.05 -24.27 12.43
CA VAL A 138 -23.81 -24.64 11.22
C VAL A 138 -23.24 -25.87 10.49
N VAL A 139 -21.92 -26.05 10.53
CA VAL A 139 -21.31 -27.23 9.89
C VAL A 139 -21.36 -28.50 10.77
N CYS A 140 -20.91 -28.41 12.02
CA CYS A 140 -20.90 -29.58 12.91
C CYS A 140 -22.27 -29.89 13.51
N LYS A 141 -23.23 -28.98 13.32
CA LYS A 141 -24.62 -29.20 13.77
C LYS A 141 -24.70 -29.79 15.16
N PRO A 142 -24.16 -29.08 16.16
CA PRO A 142 -24.04 -29.67 17.48
C PRO A 142 -25.36 -29.67 18.23
N MET A 143 -26.43 -29.18 17.62
CA MET A 143 -27.70 -29.03 18.32
C MET A 143 -28.85 -29.78 17.66
N SER A 144 -29.72 -30.39 18.47
CA SER A 144 -30.75 -31.28 17.92
C SER A 144 -31.44 -30.73 16.67
N ASN A 145 -32.28 -29.73 16.86
CA ASN A 145 -32.99 -29.13 15.73
C ASN A 145 -32.77 -27.63 15.77
N PHE A 146 -31.75 -27.18 15.05
CA PHE A 146 -31.34 -25.78 15.12
C PHE A 146 -31.00 -25.22 13.76
N ARG A 147 -31.51 -24.02 13.48
CA ARG A 147 -31.19 -23.35 12.23
C ARG A 147 -30.72 -21.93 12.46
N PHE A 148 -29.44 -21.69 12.18
CA PHE A 148 -28.84 -20.39 12.39
C PHE A 148 -29.50 -19.36 11.50
N GLY A 149 -29.92 -18.24 12.08
CA GLY A 149 -30.51 -17.14 11.30
C GLY A 149 -30.17 -15.73 11.78
N GLU A 150 -30.96 -14.76 11.32
CA GLU A 150 -30.74 -13.34 11.59
C GLU A 150 -30.59 -13.01 13.08
N ASN A 151 -31.60 -13.31 13.88
CA ASN A 151 -31.55 -13.07 15.33
C ASN A 151 -30.24 -13.52 15.93
N HIS A 152 -29.85 -14.76 15.67
CA HIS A 152 -28.56 -15.28 16.10
C HIS A 152 -27.43 -14.37 15.60
N ALA A 153 -27.33 -14.23 14.28
CA ALA A 153 -26.31 -13.36 13.69
C ALA A 153 -26.16 -12.08 14.48
N ILE A 154 -27.30 -11.53 14.90
CA ILE A 154 -27.34 -10.27 15.65
C ILE A 154 -26.73 -10.43 17.03
N MET A 155 -27.33 -11.30 17.86
CA MET A 155 -26.85 -11.46 19.21
C MET A 155 -25.35 -11.57 19.12
N GLY A 156 -24.92 -12.37 18.15
CA GLY A 156 -23.50 -12.57 17.89
C GLY A 156 -22.70 -11.27 17.80
N VAL A 157 -23.27 -10.27 17.13
CA VAL A 157 -22.55 -9.02 16.95
C VAL A 157 -22.54 -8.27 18.27
N ALA A 158 -23.70 -8.26 18.93
CA ALA A 158 -23.86 -7.60 20.22
C ALA A 158 -22.84 -8.16 21.20
N PHE A 159 -22.59 -9.45 21.09
CA PHE A 159 -21.69 -10.14 22.00
C PHE A 159 -20.31 -9.58 21.76
N THR A 160 -19.96 -9.52 20.49
CA THR A 160 -18.73 -8.89 20.06
C THR A 160 -18.53 -7.48 20.66
N TRP A 161 -19.61 -6.73 20.83
CA TRP A 161 -19.50 -5.40 21.41
C TRP A 161 -19.34 -5.43 22.92
N VAL A 162 -20.13 -6.27 23.58
CA VAL A 162 -20.02 -6.39 25.03
C VAL A 162 -18.63 -6.88 25.46
N MET A 163 -18.02 -7.81 24.72
CA MET A 163 -16.68 -8.27 25.11
C MET A 163 -15.68 -7.13 25.04
N ALA A 164 -15.70 -6.41 23.93
CA ALA A 164 -14.77 -5.33 23.73
C ALA A 164 -14.96 -4.22 24.77
N LEU A 165 -16.20 -3.92 25.15
CA LEU A 165 -16.41 -2.91 26.19
C LEU A 165 -15.80 -3.39 27.48
N ALA A 166 -15.99 -4.68 27.77
CA ALA A 166 -15.47 -5.32 28.98
C ALA A 166 -13.95 -5.31 28.94
N CYS A 167 -13.40 -4.79 27.87
CA CYS A 167 -11.98 -4.75 27.73
C CYS A 167 -11.44 -3.31 27.72
N ALA A 168 -12.01 -2.45 26.87
CA ALA A 168 -11.53 -1.08 26.71
C ALA A 168 -12.07 -0.10 27.76
N ALA A 169 -13.27 -0.36 28.25
CA ALA A 169 -13.91 0.57 29.18
C ALA A 169 -13.21 0.69 30.53
N PRO A 170 -12.92 -0.45 31.18
CA PRO A 170 -12.40 -0.41 32.56
C PRO A 170 -11.21 0.53 32.79
N PRO A 171 -10.21 0.52 31.89
CA PRO A 171 -9.09 1.46 32.08
C PRO A 171 -9.54 2.91 32.30
N LEU A 172 -10.53 3.35 31.54
CA LEU A 172 -11.09 4.70 31.69
C LEU A 172 -11.56 4.95 33.12
N VAL A 173 -12.04 3.92 33.79
CA VAL A 173 -12.66 4.13 35.08
C VAL A 173 -12.01 3.41 36.27
N GLY A 174 -10.68 3.39 36.31
CA GLY A 174 -9.99 2.91 37.50
C GLY A 174 -9.16 1.64 37.39
N TRP A 175 -9.57 0.74 36.50
CA TRP A 175 -8.89 -0.54 36.35
C TRP A 175 -7.89 -0.50 35.17
N SER A 176 -6.61 -0.71 35.49
CA SER A 176 -5.52 -0.41 34.58
C SER A 176 -5.58 1.07 34.20
N ARG A 177 -5.08 1.42 33.01
CA ARG A 177 -5.10 2.81 32.54
C ARG A 177 -4.60 2.87 31.13
N TYR A 178 -4.76 4.03 30.52
CA TYR A 178 -4.17 4.27 29.21
C TYR A 178 -2.99 5.21 29.37
N ILE A 179 -1.93 4.98 28.60
CA ILE A 179 -0.78 5.88 28.58
C ILE A 179 -0.08 5.75 27.26
N PRO A 180 0.68 6.79 26.88
CA PRO A 180 1.46 6.63 25.65
C PRO A 180 2.40 5.43 25.77
N GLU A 181 2.60 4.73 24.67
CA GLU A 181 3.49 3.57 24.68
C GLU A 181 4.68 3.80 23.75
N GLY A 182 5.63 2.87 23.74
CA GLY A 182 6.77 2.91 22.82
C GLY A 182 7.36 4.28 22.56
N MET A 183 7.15 4.81 21.37
CA MET A 183 7.66 6.13 21.03
C MET A 183 6.76 7.25 21.56
N GLN A 184 5.76 6.91 22.37
CA GLN A 184 4.88 7.92 22.98
C GLN A 184 3.89 8.63 22.03
N CYS A 185 3.74 8.15 20.80
CA CYS A 185 2.84 8.81 19.86
C CYS A 185 1.44 8.24 19.85
N SER A 186 1.30 6.98 20.25
CA SER A 186 -0.02 6.40 20.38
C SER A 186 -0.24 5.89 21.79
N CYS A 187 -1.51 5.78 22.17
CA CYS A 187 -1.86 5.39 23.51
C CYS A 187 -2.46 3.99 23.57
N GLY A 188 -2.14 3.23 24.60
CA GLY A 188 -2.68 1.88 24.77
C GLY A 188 -2.77 1.45 26.23
N ILE A 189 -3.23 0.24 26.47
CA ILE A 189 -3.31 -0.27 27.83
C ILE A 189 -1.91 -0.31 28.43
N ASP A 190 -1.83 -0.11 29.74
CA ASP A 190 -0.55 -0.13 30.45
C ASP A 190 -0.34 -1.51 31.07
N TYR A 191 0.47 -2.33 30.39
CA TYR A 191 0.74 -3.69 30.83
C TYR A 191 2.21 -3.85 31.18
N TYR A 192 2.84 -2.74 31.56
CA TYR A 192 4.27 -2.74 31.88
C TYR A 192 4.63 -1.70 32.94
N THR A 193 3.83 -1.64 34.00
CA THR A 193 4.07 -0.78 35.14
C THR A 193 3.21 -1.27 36.29
N PRO A 194 3.85 -1.76 37.36
CA PRO A 194 3.07 -2.23 38.52
C PRO A 194 2.32 -1.08 39.19
N HIS A 195 1.68 -0.25 38.38
CA HIS A 195 0.89 0.90 38.87
C HIS A 195 -0.23 0.38 39.76
N GLU A 196 -0.06 0.55 41.06
CA GLU A 196 -0.92 -0.11 42.04
C GLU A 196 -2.29 0.56 42.25
N GLU A 197 -2.33 1.89 42.26
CA GLU A 197 -3.60 2.56 42.46
C GLU A 197 -4.61 2.20 41.36
N THR A 198 -4.23 1.27 40.48
CA THR A 198 -5.10 0.84 39.39
C THR A 198 -5.09 -0.67 39.12
N ASN A 199 -4.24 -1.40 39.83
CA ASN A 199 -4.21 -2.86 39.74
C ASN A 199 -3.87 -3.37 38.35
N ASN A 200 -2.89 -2.75 37.72
CA ASN A 200 -2.41 -3.17 36.41
C ASN A 200 -2.16 -4.69 36.32
N GLU A 201 -1.84 -5.29 37.45
CA GLU A 201 -1.54 -6.72 37.46
C GLU A 201 -2.79 -7.58 37.25
N SER A 202 -3.77 -7.48 38.14
CA SER A 202 -4.99 -8.27 37.98
C SER A 202 -5.58 -8.07 36.59
N PHE A 203 -5.41 -6.88 36.04
CA PHE A 203 -6.03 -6.61 34.75
C PHE A 203 -5.33 -7.38 33.62
N VAL A 204 -4.01 -7.38 33.64
CA VAL A 204 -3.24 -8.02 32.58
C VAL A 204 -3.46 -9.53 32.57
N ILE A 205 -3.69 -10.10 33.74
CA ILE A 205 -4.00 -11.51 33.83
C ILE A 205 -5.39 -11.73 33.25
N TYR A 206 -6.31 -10.87 33.67
CA TYR A 206 -7.66 -10.87 33.13
C TYR A 206 -7.63 -10.77 31.61
N MET A 207 -6.86 -9.82 31.11
CA MET A 207 -6.71 -9.66 29.68
C MET A 207 -6.09 -10.89 29.03
N PHE A 208 -5.05 -11.40 29.66
CA PHE A 208 -4.38 -12.59 29.17
C PHE A 208 -5.33 -13.76 29.12
N VAL A 209 -5.94 -14.07 30.27
CA VAL A 209 -6.84 -15.23 30.37
C VAL A 209 -8.11 -15.10 29.52
N VAL A 210 -8.86 -14.02 29.73
CA VAL A 210 -10.17 -13.88 29.09
C VAL A 210 -10.11 -13.40 27.64
N HIS A 211 -9.16 -12.54 27.31
CA HIS A 211 -9.13 -11.99 25.94
C HIS A 211 -8.01 -12.51 25.03
N PHE A 212 -7.31 -13.54 25.49
CA PHE A 212 -6.34 -14.20 24.63
C PHE A 212 -6.46 -15.72 24.67
N ILE A 213 -6.27 -16.29 25.85
CA ILE A 213 -6.34 -17.75 26.03
C ILE A 213 -7.69 -18.30 25.57
N ILE A 214 -8.77 -17.83 26.17
CA ILE A 214 -10.10 -18.27 25.77
C ILE A 214 -10.35 -18.13 24.27
N PRO A 215 -10.32 -16.91 23.74
CA PRO A 215 -10.48 -16.79 22.29
C PRO A 215 -9.67 -17.84 21.54
N LEU A 216 -8.42 -18.06 21.95
CA LEU A 216 -7.55 -19.01 21.27
C LEU A 216 -8.08 -20.44 21.41
N ILE A 217 -8.51 -20.81 22.60
CA ILE A 217 -9.09 -22.13 22.82
C ILE A 217 -10.37 -22.32 21.99
N VAL A 218 -11.31 -21.39 22.12
CA VAL A 218 -12.56 -21.45 21.34
C VAL A 218 -12.30 -21.63 19.86
N ILE A 219 -11.50 -20.73 19.28
CA ILE A 219 -11.13 -20.82 17.86
C ILE A 219 -10.60 -22.19 17.45
N PHE A 220 -9.56 -22.66 18.15
CA PHE A 220 -8.96 -23.96 17.86
C PHE A 220 -9.95 -25.11 17.92
N PHE A 221 -10.76 -25.15 18.98
CA PHE A 221 -11.77 -26.18 19.15
C PHE A 221 -12.80 -26.17 18.01
N CYS A 222 -13.37 -25.00 17.72
CA CYS A 222 -14.39 -24.88 16.70
C CYS A 222 -13.87 -25.26 15.34
N TYR A 223 -12.76 -24.67 14.94
CA TYR A 223 -12.20 -25.00 13.64
C TYR A 223 -11.65 -26.42 13.63
N GLY A 224 -11.15 -26.87 14.78
CA GLY A 224 -10.66 -28.23 14.90
C GLY A 224 -11.74 -29.21 14.49
N GLN A 225 -12.87 -29.15 15.18
CA GLN A 225 -14.03 -29.97 14.83
C GLN A 225 -14.44 -29.81 13.36
N LEU A 226 -14.65 -28.57 12.94
CA LEU A 226 -15.12 -28.31 11.59
C LEU A 226 -14.26 -29.05 10.56
N VAL A 227 -12.94 -29.04 10.75
CA VAL A 227 -12.06 -29.77 9.83
C VAL A 227 -12.23 -31.28 10.00
N PHE A 228 -12.49 -31.71 11.22
CA PHE A 228 -12.75 -33.12 11.46
C PHE A 228 -13.98 -33.54 10.67
N THR A 229 -15.14 -33.01 11.06
CA THR A 229 -16.40 -33.23 10.36
C THR A 229 -16.28 -33.25 8.83
N VAL A 230 -15.54 -32.30 8.26
CA VAL A 230 -15.42 -32.21 6.82
C VAL A 230 -14.57 -33.33 6.21
N LYS A 231 -13.44 -33.61 6.82
CA LYS A 231 -12.56 -34.66 6.34
C LYS A 231 -13.21 -36.02 6.56
N GLU A 232 -14.07 -36.09 7.58
CA GLU A 232 -14.79 -37.32 7.91
C GLU A 232 -15.89 -37.61 6.91
N ALA A 233 -16.57 -36.55 6.48
CA ALA A 233 -17.60 -36.66 5.49
C ALA A 233 -17.01 -36.99 4.11
N ALA A 234 -15.97 -36.28 3.72
CA ALA A 234 -15.30 -36.51 2.44
C ALA A 234 -14.85 -37.95 2.31
N ALA A 235 -14.13 -38.43 3.32
CA ALA A 235 -13.66 -39.82 3.32
C ALA A 235 -14.79 -40.76 2.95
N GLN A 236 -16.01 -40.36 3.28
CA GLN A 236 -17.20 -41.19 3.03
C GLN A 236 -17.85 -40.92 1.67
N GLN A 237 -17.22 -40.05 0.87
CA GLN A 237 -17.66 -39.76 -0.49
C GLN A 237 -16.46 -39.56 -1.40
N GLN A 238 -15.55 -40.52 -1.41
CA GLN A 238 -14.32 -40.34 -2.14
C GLN A 238 -14.52 -40.34 -3.65
N GLU A 239 -15.70 -40.80 -4.08
CA GLU A 239 -16.02 -40.86 -5.50
C GLU A 239 -16.35 -39.48 -6.06
N SER A 240 -16.50 -38.50 -5.18
CA SER A 240 -16.87 -37.14 -5.60
C SER A 240 -15.68 -36.20 -5.72
N ALA A 241 -15.10 -36.11 -6.91
CA ALA A 241 -13.93 -35.26 -7.13
C ALA A 241 -14.07 -33.88 -6.49
N THR A 242 -15.23 -33.26 -6.64
CA THR A 242 -15.44 -31.92 -6.11
C THR A 242 -15.34 -31.88 -4.58
N THR A 243 -16.02 -32.81 -3.92
CA THR A 243 -16.00 -32.86 -2.45
C THR A 243 -14.58 -32.92 -1.90
N GLN A 244 -13.75 -33.76 -2.50
CA GLN A 244 -12.37 -33.87 -2.06
C GLN A 244 -11.73 -32.50 -2.19
N LYS A 245 -12.08 -31.78 -3.26
CA LYS A 245 -11.56 -30.41 -3.47
C LYS A 245 -12.08 -29.42 -2.41
N ALA A 246 -13.39 -29.42 -2.17
CA ALA A 246 -13.94 -28.60 -1.10
C ALA A 246 -13.25 -28.88 0.24
N GLU A 247 -12.98 -30.16 0.48
CA GLU A 247 -12.36 -30.56 1.75
C GLU A 247 -10.95 -29.99 1.86
N LYS A 248 -10.17 -30.13 0.79
CA LYS A 248 -8.82 -29.60 0.75
C LYS A 248 -8.88 -28.11 1.05
N GLU A 249 -9.69 -27.40 0.26
CA GLU A 249 -9.85 -25.96 0.38
C GLU A 249 -10.17 -25.52 1.80
N VAL A 250 -11.20 -26.12 2.41
CA VAL A 250 -11.60 -25.73 3.75
C VAL A 250 -10.40 -25.83 4.69
N THR A 251 -9.68 -26.93 4.60
CA THR A 251 -8.57 -27.16 5.52
C THR A 251 -7.51 -26.07 5.35
N ARG A 252 -7.05 -25.89 4.12
CA ARG A 252 -6.07 -24.86 3.84
C ARG A 252 -6.49 -23.54 4.50
N MET A 253 -7.75 -23.15 4.28
CA MET A 253 -8.28 -21.92 4.89
C MET A 253 -8.25 -21.89 6.41
N VAL A 254 -8.72 -22.95 7.06
CA VAL A 254 -8.70 -22.97 8.52
C VAL A 254 -7.28 -22.70 9.00
N ILE A 255 -6.31 -23.31 8.31
CA ILE A 255 -4.90 -23.18 8.64
C ILE A 255 -4.43 -21.73 8.53
N ILE A 256 -4.65 -21.15 7.36
CA ILE A 256 -4.42 -19.73 7.12
C ILE A 256 -5.07 -18.84 8.19
N MET A 257 -6.29 -19.17 8.57
CA MET A 257 -6.99 -18.40 9.59
C MET A 257 -6.35 -18.52 10.96
N VAL A 258 -5.96 -19.73 11.34
CA VAL A 258 -5.42 -19.93 12.67
C VAL A 258 -4.02 -19.32 12.75
N ILE A 259 -3.16 -19.69 11.81
CA ILE A 259 -1.86 -19.04 11.68
C ILE A 259 -1.96 -17.51 11.73
N ALA A 260 -2.96 -16.96 11.06
CA ALA A 260 -3.21 -15.51 11.07
C ALA A 260 -3.59 -15.00 12.45
N PHE A 261 -4.46 -15.73 13.13
CA PHE A 261 -4.86 -15.29 14.45
C PHE A 261 -3.69 -15.32 15.40
N LEU A 262 -2.74 -16.23 15.16
CA LEU A 262 -1.58 -16.37 16.03
C LEU A 262 -0.60 -15.26 15.76
N ILE A 263 -0.27 -15.07 14.48
CA ILE A 263 0.67 -14.04 14.07
C ILE A 263 0.27 -12.67 14.59
N CYS A 264 -1.00 -12.54 14.95
CA CYS A 264 -1.54 -11.24 15.33
C CYS A 264 -1.57 -10.99 16.83
N TRP A 265 -1.73 -12.03 17.63
CA TRP A 265 -1.87 -11.83 19.07
C TRP A 265 -0.77 -12.48 19.90
N LEU A 266 -0.22 -13.58 19.42
CA LEU A 266 0.83 -14.25 20.17
C LEU A 266 1.92 -13.24 20.56
N PRO A 267 2.50 -12.53 19.56
CA PRO A 267 3.52 -11.55 19.88
C PRO A 267 3.11 -10.63 21.02
N TYR A 268 1.94 -10.00 20.92
CA TYR A 268 1.48 -9.12 22.00
C TYR A 268 1.49 -9.83 23.34
N ALA A 269 0.99 -11.06 23.37
CA ALA A 269 0.87 -11.80 24.62
C ALA A 269 2.21 -12.31 25.11
N GLY A 270 3.14 -12.59 24.19
CA GLY A 270 4.47 -13.08 24.54
C GLY A 270 5.21 -11.98 25.30
N VAL A 271 5.26 -10.81 24.70
CA VAL A 271 5.82 -9.64 25.34
C VAL A 271 5.18 -9.39 26.71
N ALA A 272 3.85 -9.33 26.77
CA ALA A 272 3.15 -9.14 28.05
C ALA A 272 3.57 -10.12 29.13
N PHE A 273 3.40 -11.42 28.88
CA PHE A 273 3.74 -12.44 29.87
C PHE A 273 5.20 -12.32 30.28
N TYR A 274 6.04 -12.01 29.30
CA TYR A 274 7.46 -11.82 29.57
C TYR A 274 7.62 -10.73 30.63
N ILE A 275 7.28 -9.49 30.26
CA ILE A 275 7.32 -8.34 31.17
C ILE A 275 6.72 -8.61 32.56
N PHE A 276 5.51 -9.18 32.57
CA PHE A 276 4.89 -9.56 33.83
C PHE A 276 5.83 -10.46 34.65
N THR A 277 6.64 -11.26 33.96
CA THR A 277 7.63 -12.10 34.62
C THR A 277 8.96 -11.37 34.76
N HIS A 278 9.19 -10.38 33.90
CA HIS A 278 10.45 -9.64 33.93
C HIS A 278 10.24 -8.15 34.24
N GLN A 279 10.09 -7.88 35.54
CA GLN A 279 9.76 -6.55 36.05
C GLN A 279 10.64 -5.39 35.59
N GLY A 280 10.13 -4.64 34.61
CA GLY A 280 10.67 -3.34 34.25
C GLY A 280 12.14 -3.26 33.95
N SER A 281 12.64 -4.20 33.14
CA SER A 281 13.96 -4.07 32.55
C SER A 281 13.73 -3.18 31.35
N ASP A 282 14.59 -2.19 31.17
CA ASP A 282 14.34 -1.19 30.13
C ASP A 282 13.95 -1.83 28.82
N PHE A 283 12.75 -1.51 28.36
CA PHE A 283 12.28 -2.00 27.08
C PHE A 283 12.28 -0.87 26.06
N GLY A 284 13.27 -0.88 25.18
CA GLY A 284 13.31 0.12 24.12
C GLY A 284 11.92 0.53 23.67
N PRO A 285 11.70 1.84 23.48
CA PRO A 285 10.47 2.34 22.91
C PRO A 285 10.19 1.60 21.62
N ILE A 286 11.25 1.34 20.87
CA ILE A 286 11.16 0.62 19.61
C ILE A 286 10.65 -0.82 19.80
N PHE A 287 11.29 -1.52 20.74
CA PHE A 287 10.93 -2.91 21.07
C PHE A 287 9.49 -3.02 21.54
N MET A 288 9.05 -2.07 22.35
CA MET A 288 7.68 -2.08 22.83
C MET A 288 6.70 -2.06 21.65
N THR A 289 7.12 -1.46 20.54
CA THR A 289 6.27 -1.30 19.35
C THR A 289 6.30 -2.51 18.37
N ILE A 290 6.79 -3.67 18.80
CA ILE A 290 6.74 -4.86 17.94
C ILE A 290 5.46 -5.65 18.20
N PRO A 291 5.09 -5.79 19.48
CA PRO A 291 3.79 -6.42 19.70
C PRO A 291 2.70 -5.62 18.96
N ALA A 292 2.91 -4.30 18.86
CA ALA A 292 1.92 -3.39 18.29
C ALA A 292 1.86 -3.44 16.77
N PHE A 293 3.01 -3.56 16.11
CA PHE A 293 3.09 -3.66 14.66
C PHE A 293 2.28 -4.84 14.15
N PHE A 294 2.53 -6.01 14.72
CA PHE A 294 1.84 -7.21 14.26
C PHE A 294 0.31 -7.08 14.40
N ALA A 295 -0.14 -6.67 15.57
CA ALA A 295 -1.59 -6.52 15.83
C ALA A 295 -2.26 -5.50 14.92
N LYS A 296 -1.60 -4.36 14.73
CA LYS A 296 -2.21 -3.28 13.99
C LYS A 296 -2.28 -3.60 12.50
N THR A 297 -1.24 -4.21 11.98
CA THR A 297 -1.23 -4.49 10.55
C THR A 297 -2.33 -5.53 10.18
N SER A 298 -2.97 -6.11 11.19
CA SER A 298 -4.04 -7.07 10.95
C SER A 298 -5.23 -6.41 10.29
N ALA A 299 -5.39 -5.10 10.52
CA ALA A 299 -6.56 -4.40 9.99
C ALA A 299 -6.55 -4.35 8.47
N VAL A 300 -5.42 -4.78 7.89
CA VAL A 300 -5.34 -4.92 6.44
C VAL A 300 -5.40 -6.39 6.06
N TYR A 301 -4.69 -7.27 6.77
CA TYR A 301 -4.65 -8.67 6.35
C TYR A 301 -5.89 -9.50 6.74
N ASN A 302 -6.56 -9.15 7.83
CA ASN A 302 -7.81 -9.82 8.19
C ASN A 302 -8.87 -9.76 7.06
N PRO A 303 -9.19 -8.55 6.58
CA PRO A 303 -10.07 -8.33 5.42
C PRO A 303 -9.60 -9.04 4.14
N VAL A 304 -8.30 -9.15 3.97
CA VAL A 304 -7.81 -9.83 2.77
C VAL A 304 -8.13 -11.31 2.95
N ILE A 305 -7.77 -11.85 4.10
CA ILE A 305 -8.00 -13.25 4.42
C ILE A 305 -9.49 -13.66 4.45
N TYR A 306 -10.24 -13.06 5.38
CA TYR A 306 -11.66 -13.40 5.62
C TYR A 306 -12.68 -12.86 4.63
N ILE A 307 -12.26 -12.06 3.65
CA ILE A 307 -13.23 -11.47 2.73
C ILE A 307 -12.73 -11.51 1.30
N MET A 308 -11.65 -10.79 1.03
CA MET A 308 -11.02 -10.75 -0.31
C MET A 308 -10.83 -12.12 -0.92
N MET A 309 -10.66 -13.14 -0.07
CA MET A 309 -10.37 -14.48 -0.59
C MET A 309 -11.62 -15.33 -0.71
N ASN A 310 -12.66 -14.72 -1.24
CA ASN A 310 -13.90 -15.43 -1.49
C ASN A 310 -14.43 -15.10 -2.88
N LYS A 311 -14.36 -16.10 -3.76
CA LYS A 311 -14.79 -15.95 -5.15
C LYS A 311 -16.06 -15.11 -5.29
N GLN A 312 -16.94 -15.18 -4.30
CA GLN A 312 -18.17 -14.41 -4.34
C GLN A 312 -17.91 -12.91 -4.16
N PHE A 313 -17.71 -12.47 -2.93
CA PHE A 313 -17.42 -11.06 -2.69
C PHE A 313 -16.47 -10.53 -3.74
N ARG A 314 -15.40 -11.27 -3.97
CA ARG A 314 -14.43 -10.92 -5.01
C ARG A 314 -15.12 -10.58 -6.34
N ASN A 315 -16.12 -11.37 -6.71
CA ASN A 315 -16.86 -11.12 -7.96
C ASN A 315 -17.59 -9.79 -7.95
N CYS A 316 -18.22 -9.52 -6.83
CA CYS A 316 -18.98 -8.29 -6.69
C CYS A 316 -18.03 -7.11 -6.76
N MET A 317 -16.99 -7.17 -5.93
CA MET A 317 -15.96 -6.14 -5.89
C MET A 317 -15.63 -5.70 -7.32
N VAL A 318 -15.43 -6.67 -8.20
CA VAL A 318 -15.11 -6.36 -9.59
C VAL A 318 -16.20 -5.49 -10.18
N THR A 319 -17.41 -6.04 -10.26
CA THR A 319 -18.57 -5.33 -10.79
C THR A 319 -18.60 -3.90 -10.30
N THR A 320 -18.61 -3.75 -8.99
CA THR A 320 -18.66 -2.43 -8.37
C THR A 320 -17.56 -1.49 -8.88
N LEU A 321 -16.31 -1.81 -8.60
CA LEU A 321 -15.18 -0.99 -9.03
C LEU A 321 -15.13 -0.73 -10.54
N CYS A 322 -15.70 -1.65 -11.31
CA CYS A 322 -15.71 -1.52 -12.76
C CYS A 322 -16.98 -0.89 -13.30
N CYS A 323 -17.43 0.17 -12.65
CA CYS A 323 -18.52 1.00 -13.14
C CYS A 323 -19.80 0.26 -13.53
N GLY A 324 -20.08 -0.86 -12.89
CA GLY A 324 -21.35 -1.50 -13.15
C GLY A 324 -21.30 -2.97 -13.50
N LYS A 325 -20.39 -3.36 -14.39
CA LYS A 325 -20.30 -4.77 -14.77
C LYS A 325 -18.94 -5.16 -15.32
N ASN A 326 -18.69 -6.45 -15.51
CA ASN A 326 -17.44 -6.92 -16.10
C ASN A 326 -16.82 -8.09 -15.34
N MET B 1 12.10 38.35 -7.67
CA MET B 1 12.51 36.96 -8.03
C MET B 1 12.26 35.97 -6.89
N ASN B 2 11.89 34.75 -7.25
CA ASN B 2 11.44 33.79 -6.27
C ASN B 2 12.40 32.62 -6.17
N GLY B 3 13.39 32.61 -7.03
CA GLY B 3 14.40 31.57 -6.98
C GLY B 3 15.72 32.05 -6.41
N THR B 4 16.61 31.10 -6.14
CA THR B 4 17.99 31.44 -5.85
C THR B 4 18.92 30.41 -6.53
N GLU B 5 19.80 30.90 -7.42
CA GLU B 5 20.70 30.05 -8.21
C GLU B 5 22.01 29.73 -7.53
N GLY B 6 22.57 28.62 -7.96
CA GLY B 6 23.82 28.08 -7.45
C GLY B 6 24.42 27.40 -8.67
N PRO B 7 25.73 27.16 -8.63
CA PRO B 7 26.36 26.61 -9.82
C PRO B 7 25.65 25.35 -10.36
N ASN B 8 25.21 24.48 -9.45
CA ASN B 8 24.62 23.22 -9.92
C ASN B 8 23.15 22.97 -9.66
N PHE B 9 22.37 24.03 -9.49
CA PHE B 9 21.03 23.83 -8.97
C PHE B 9 20.20 25.10 -8.99
N TYR B 10 18.93 24.95 -8.68
CA TYR B 10 18.00 26.07 -8.60
C TYR B 10 17.00 25.79 -7.49
N VAL B 11 17.22 26.42 -6.32
CA VAL B 11 16.25 26.35 -5.24
C VAL B 11 15.11 27.31 -5.54
N PRO B 12 13.88 26.79 -5.60
CA PRO B 12 12.72 27.65 -5.83
C PRO B 12 12.29 28.40 -4.55
N PHE B 13 13.19 29.17 -3.96
CA PHE B 13 12.87 30.00 -2.82
C PHE B 13 13.77 31.23 -2.92
N SER B 14 13.40 32.33 -2.26
CA SER B 14 14.19 33.55 -2.42
C SER B 14 15.11 33.81 -1.26
N ASN B 15 16.39 34.08 -1.57
CA ASN B 15 17.40 34.30 -0.54
C ASN B 15 17.40 35.73 0.00
N LYS B 16 16.27 36.43 -0.09
CA LYS B 16 16.22 37.79 0.46
C LYS B 16 16.44 37.79 1.99
N THR B 17 16.11 36.68 2.65
CA THR B 17 16.38 36.58 4.08
C THR B 17 17.69 35.84 4.32
N GLY B 18 18.34 35.43 3.23
CA GLY B 18 19.66 34.79 3.30
C GLY B 18 19.66 33.45 3.99
N VAL B 19 18.51 32.78 4.00
CA VAL B 19 18.37 31.49 4.68
C VAL B 19 18.50 30.30 3.74
N VAL B 20 18.55 30.59 2.43
CA VAL B 20 18.63 29.53 1.42
C VAL B 20 20.02 28.92 1.46
N ARG B 21 20.06 27.59 1.55
CA ARG B 21 21.29 26.82 1.52
C ARG B 21 21.25 25.87 0.33
N SER B 22 22.42 25.41 -0.10
CA SER B 22 22.49 24.45 -1.21
C SER B 22 21.65 23.18 -0.97
N PRO B 23 21.00 22.66 -2.01
CA PRO B 23 20.27 21.41 -1.81
C PRO B 23 21.24 20.21 -1.75
N PHE B 24 22.53 20.47 -1.92
CA PHE B 24 23.52 19.43 -1.70
C PHE B 24 24.22 19.51 -0.33
N GLU B 25 23.86 20.46 0.52
CA GLU B 25 24.63 20.63 1.75
C GLU B 25 23.85 20.80 3.04
N ALA B 26 22.59 21.23 2.95
CA ALA B 26 21.78 21.41 4.17
C ALA B 26 20.28 21.34 3.91
N PRO B 27 19.53 20.95 4.94
CA PRO B 27 18.08 20.75 4.87
C PRO B 27 17.38 21.94 4.26
N GLN B 28 16.25 21.71 3.60
CA GLN B 28 15.54 22.77 2.91
C GLN B 28 14.28 23.12 3.66
N TYR B 29 14.33 23.00 4.99
CA TYR B 29 13.14 23.16 5.80
C TYR B 29 12.53 24.57 5.73
N TYR B 30 13.17 25.47 4.96
CA TYR B 30 12.64 26.81 4.75
C TYR B 30 11.67 26.86 3.56
N LEU B 31 11.67 25.81 2.74
CA LEU B 31 10.79 25.80 1.58
C LEU B 31 9.70 24.73 1.71
N ALA B 32 9.76 23.98 2.80
CA ALA B 32 8.70 23.03 3.13
C ALA B 32 8.91 22.69 4.58
N GLU B 33 7.82 22.53 5.31
CA GLU B 33 7.92 22.14 6.70
C GLU B 33 8.52 20.75 6.76
N PRO B 34 9.16 20.41 7.88
CA PRO B 34 9.61 19.04 8.00
C PRO B 34 8.50 18.00 7.89
N TRP B 35 7.29 18.25 8.39
CA TRP B 35 6.34 17.14 8.34
C TRP B 35 6.02 16.86 6.90
N GLN B 36 6.05 17.89 6.08
CA GLN B 36 5.85 17.68 4.66
C GLN B 36 6.98 16.83 4.06
N PHE B 37 8.18 16.91 4.62
CA PHE B 37 9.26 16.05 4.16
C PHE B 37 8.99 14.59 4.53
N SER B 38 8.58 14.39 5.79
CA SER B 38 8.12 13.10 6.26
C SER B 38 7.08 12.54 5.31
N MET B 39 6.09 13.38 4.97
CA MET B 39 5.00 12.94 4.09
C MET B 39 5.56 12.52 2.76
N LEU B 40 6.56 13.26 2.25
CA LEU B 40 7.23 12.85 1.03
C LEU B 40 7.71 11.41 1.23
N ALA B 41 8.48 11.19 2.28
CA ALA B 41 8.94 9.83 2.61
C ALA B 41 7.79 8.82 2.69
N ALA B 42 6.73 9.15 3.42
CA ALA B 42 5.60 8.26 3.47
C ALA B 42 5.23 7.80 2.04
N TYR B 43 5.14 8.76 1.13
CA TYR B 43 4.71 8.45 -0.22
C TYR B 43 5.70 7.52 -0.94
N MET B 44 6.99 7.81 -0.80
CA MET B 44 8.02 6.96 -1.35
C MET B 44 7.95 5.53 -0.77
N PHE B 45 7.55 5.46 0.48
CA PHE B 45 7.50 4.20 1.18
C PHE B 45 6.34 3.37 0.61
N LEU B 46 5.21 4.04 0.37
CA LEU B 46 4.05 3.43 -0.28
C LEU B 46 4.41 2.92 -1.68
N LEU B 47 4.97 3.81 -2.50
CA LEU B 47 5.48 3.43 -3.81
C LEU B 47 6.34 2.18 -3.78
N ILE B 48 7.16 2.03 -2.74
CA ILE B 48 8.05 0.87 -2.64
C ILE B 48 7.32 -0.39 -2.15
N MET B 49 6.60 -0.26 -1.04
CA MET B 49 5.82 -1.37 -0.52
C MET B 49 4.82 -1.94 -1.54
N LEU B 50 4.28 -1.12 -2.43
CA LEU B 50 3.43 -1.68 -3.49
C LEU B 50 4.24 -2.01 -4.74
N GLY B 51 5.01 -1.03 -5.19
CA GLY B 51 5.78 -1.15 -6.42
C GLY B 51 6.73 -2.33 -6.53
N PHE B 52 7.44 -2.64 -5.45
CA PHE B 52 8.41 -3.71 -5.53
C PHE B 52 7.74 -5.08 -5.65
N PRO B 53 6.85 -5.41 -4.72
CA PRO B 53 6.20 -6.71 -4.86
C PRO B 53 5.46 -6.86 -6.22
N ILE B 54 4.57 -5.94 -6.55
CA ILE B 54 3.84 -6.03 -7.81
C ILE B 54 4.80 -6.27 -8.98
N ASN B 55 5.86 -5.48 -9.08
CA ASN B 55 6.75 -5.68 -10.21
C ASN B 55 7.63 -6.93 -10.11
N PHE B 56 7.96 -7.34 -8.89
CA PHE B 56 8.82 -8.51 -8.71
C PHE B 56 8.02 -9.76 -9.00
N LEU B 57 6.90 -9.90 -8.31
CA LEU B 57 5.99 -10.99 -8.54
C LEU B 57 5.86 -11.26 -10.05
N THR B 58 5.57 -10.21 -10.81
CA THR B 58 5.50 -10.31 -12.27
C THR B 58 6.67 -11.04 -12.95
N LEU B 59 7.90 -10.84 -12.48
CA LEU B 59 9.03 -11.55 -13.06
C LEU B 59 9.07 -12.98 -12.54
N TYR B 60 8.91 -13.13 -11.24
CA TYR B 60 8.98 -14.42 -10.61
C TYR B 60 7.93 -15.39 -11.19
N VAL B 61 6.68 -14.93 -11.28
CA VAL B 61 5.60 -15.77 -11.80
C VAL B 61 5.85 -16.17 -13.26
N THR B 62 6.49 -15.31 -14.04
CA THR B 62 6.84 -15.66 -15.42
C THR B 62 7.82 -16.83 -15.40
N VAL B 63 8.89 -16.67 -14.64
CA VAL B 63 9.91 -17.69 -14.53
C VAL B 63 9.30 -19.04 -14.15
N GLN B 64 8.16 -19.01 -13.47
CA GLN B 64 7.50 -20.23 -13.00
C GLN B 64 6.43 -20.85 -13.90
N HIS B 65 5.78 -20.01 -14.72
CA HIS B 65 4.65 -20.48 -15.52
C HIS B 65 4.95 -20.39 -17.01
N LYS B 66 5.10 -21.54 -17.66
CA LYS B 66 5.49 -21.60 -19.08
C LYS B 66 4.60 -20.75 -19.99
N LYS B 67 3.29 -20.86 -19.83
CA LYS B 67 2.34 -20.15 -20.70
C LYS B 67 2.59 -18.64 -20.82
N LEU B 68 2.98 -18.00 -19.73
CA LEU B 68 3.22 -16.56 -19.74
C LEU B 68 4.42 -16.17 -20.58
N ARG B 69 5.29 -17.13 -20.89
CA ARG B 69 6.55 -16.79 -21.56
C ARG B 69 6.47 -16.72 -23.08
N THR B 70 5.44 -16.05 -23.59
CA THR B 70 5.26 -15.87 -25.04
C THR B 70 5.86 -14.54 -25.51
N PRO B 71 6.25 -14.44 -26.79
CA PRO B 71 6.99 -13.30 -27.32
C PRO B 71 6.24 -11.96 -27.19
N LEU B 72 4.91 -11.98 -27.23
CA LEU B 72 4.08 -10.77 -26.96
C LEU B 72 4.13 -10.30 -25.51
N ASN B 73 4.67 -11.12 -24.62
CA ASN B 73 4.76 -10.73 -23.22
C ASN B 73 6.11 -10.14 -22.88
N TYR B 74 7.08 -10.35 -23.76
CA TYR B 74 8.43 -9.82 -23.53
C TYR B 74 8.35 -8.36 -23.08
N ILE B 75 7.58 -7.55 -23.80
CA ILE B 75 7.52 -6.12 -23.52
C ILE B 75 6.91 -5.82 -22.16
N LEU B 76 5.99 -6.68 -21.70
CA LEU B 76 5.46 -6.50 -20.36
C LEU B 76 6.52 -6.83 -19.30
N LEU B 77 7.37 -7.82 -19.59
CA LEU B 77 8.51 -8.04 -18.70
C LEU B 77 9.40 -6.79 -18.69
N ASN B 78 9.68 -6.26 -19.87
CA ASN B 78 10.47 -5.05 -19.95
C ASN B 78 9.89 -3.98 -19.05
N LEU B 79 8.56 -3.85 -19.11
CA LEU B 79 7.83 -2.90 -18.30
C LEU B 79 8.12 -3.07 -16.80
N ALA B 80 8.07 -4.30 -16.31
CA ALA B 80 8.31 -4.55 -14.89
C ALA B 80 9.72 -4.15 -14.49
N VAL B 81 10.69 -4.44 -15.35
CA VAL B 81 12.08 -4.13 -15.07
C VAL B 81 12.23 -2.62 -14.97
N ALA B 82 11.66 -1.93 -15.95
CA ALA B 82 11.70 -0.49 -15.96
C ALA B 82 11.14 0.00 -14.64
N ASP B 83 9.92 -0.44 -14.33
CA ASP B 83 9.32 -0.13 -13.04
C ASP B 83 10.29 -0.35 -11.87
N LEU B 84 11.01 -1.45 -11.86
CA LEU B 84 11.98 -1.68 -10.77
C LEU B 84 13.05 -0.59 -10.75
N PHE B 85 13.67 -0.28 -11.89
CA PHE B 85 14.58 0.87 -11.96
C PHE B 85 13.99 2.10 -11.29
N MET B 86 12.72 2.37 -11.56
CA MET B 86 12.06 3.49 -10.90
C MET B 86 12.06 3.29 -9.37
N VAL B 87 11.71 2.10 -8.92
CA VAL B 87 11.66 1.84 -7.48
C VAL B 87 13.01 1.95 -6.75
N PHE B 88 14.09 1.52 -7.39
CA PHE B 88 15.37 1.51 -6.66
C PHE B 88 16.22 2.72 -6.96
N GLY B 89 16.42 3.00 -8.25
CA GLY B 89 17.11 4.21 -8.65
C GLY B 89 16.44 5.48 -8.13
N GLY B 90 15.11 5.50 -8.09
CA GLY B 90 14.40 6.72 -7.71
C GLY B 90 13.82 6.69 -6.29
N PHE B 91 12.77 5.88 -6.12
CA PHE B 91 12.02 5.82 -4.88
C PHE B 91 12.85 5.58 -3.61
N THR B 92 13.70 4.57 -3.60
CA THR B 92 14.47 4.27 -2.39
C THR B 92 15.38 5.46 -2.07
N THR B 93 16.11 5.96 -3.06
CA THR B 93 17.03 7.04 -2.78
C THR B 93 16.25 8.27 -2.26
N THR B 94 15.08 8.56 -2.85
CA THR B 94 14.27 9.65 -2.34
C THR B 94 13.74 9.40 -0.92
N LEU B 95 13.52 8.15 -0.55
CA LEU B 95 13.12 7.86 0.82
C LEU B 95 14.23 8.35 1.73
N TYR B 96 15.45 8.01 1.36
CA TYR B 96 16.59 8.22 2.22
C TYR B 96 16.84 9.72 2.28
N THR B 97 17.01 10.28 1.10
CA THR B 97 17.19 11.68 0.92
C THR B 97 16.14 12.57 1.66
N SER B 98 14.85 12.26 1.51
CA SER B 98 13.82 13.11 2.11
C SER B 98 13.92 13.17 3.63
N LEU B 99 14.37 12.09 4.24
CA LEU B 99 14.49 12.03 5.69
C LEU B 99 15.69 12.85 6.19
N HIS B 100 16.60 13.21 5.30
CA HIS B 100 17.65 14.18 5.62
C HIS B 100 17.18 15.62 5.34
N GLY B 101 16.28 15.78 4.38
CA GLY B 101 15.76 17.11 4.04
C GLY B 101 16.52 17.74 2.89
N TYR B 102 17.37 16.95 2.24
CA TYR B 102 18.12 17.48 1.09
C TYR B 102 18.87 16.38 0.38
N PHE B 103 19.47 16.70 -0.76
CA PHE B 103 20.04 15.66 -1.60
C PHE B 103 21.45 15.33 -1.14
N VAL B 104 21.51 14.50 -0.10
CA VAL B 104 22.76 14.14 0.59
C VAL B 104 23.82 13.44 -0.26
N PHE B 105 23.52 13.08 -1.50
CA PHE B 105 24.55 12.43 -2.33
C PHE B 105 25.30 13.37 -3.28
N GLY B 106 25.01 14.66 -3.26
CA GLY B 106 25.74 15.62 -4.12
C GLY B 106 25.57 15.51 -5.64
N PRO B 107 26.11 16.49 -6.39
CA PRO B 107 25.98 16.61 -7.84
C PRO B 107 25.91 15.29 -8.60
N THR B 108 26.99 14.52 -8.58
CA THR B 108 27.04 13.32 -9.39
C THR B 108 26.10 12.25 -8.85
N GLY B 109 25.79 12.33 -7.56
CA GLY B 109 24.71 11.51 -7.02
C GLY B 109 23.43 11.94 -7.72
N CYS B 110 23.22 13.26 -7.77
CA CYS B 110 22.15 13.85 -8.56
C CYS B 110 22.07 13.21 -9.93
N ASN B 111 23.15 13.28 -10.70
CA ASN B 111 23.18 12.70 -12.05
C ASN B 111 22.85 11.22 -12.10
N LEU B 112 23.47 10.45 -11.22
CA LEU B 112 23.19 9.02 -11.12
C LEU B 112 21.70 8.79 -10.93
N GLU B 113 21.18 9.28 -9.82
CA GLU B 113 19.78 9.11 -9.52
C GLU B 113 18.89 9.64 -10.66
N GLY B 114 19.09 10.88 -11.07
CA GLY B 114 18.36 11.41 -12.21
C GLY B 114 18.39 10.44 -13.40
N PHE B 115 19.57 9.99 -13.78
CA PHE B 115 19.70 9.07 -14.93
C PHE B 115 18.85 7.80 -14.82
N PHE B 116 18.98 7.07 -13.73
CA PHE B 116 18.26 5.80 -13.61
C PHE B 116 16.76 6.03 -13.42
N ALA B 117 16.40 7.12 -12.75
CA ALA B 117 15.00 7.44 -12.57
C ALA B 117 14.37 7.76 -13.91
N THR B 118 15.10 8.49 -14.74
CA THR B 118 14.62 8.86 -16.05
C THR B 118 14.64 7.62 -16.95
N LEU B 119 15.77 6.93 -16.97
CA LEU B 119 15.88 5.73 -17.78
C LEU B 119 14.67 4.83 -17.53
N GLY B 120 14.31 4.67 -16.25
CA GLY B 120 13.18 3.82 -15.87
C GLY B 120 11.88 4.25 -16.50
N GLY B 121 11.41 5.42 -16.08
CA GLY B 121 10.16 5.97 -16.57
C GLY B 121 10.06 6.01 -18.08
N GLU B 122 11.19 6.23 -18.75
CA GLU B 122 11.20 6.27 -20.22
C GLU B 122 11.12 4.89 -20.87
N ILE B 123 11.93 3.94 -20.41
CA ILE B 123 11.80 2.59 -20.91
C ILE B 123 10.36 2.14 -20.73
N ALA B 124 9.81 2.39 -19.54
CA ALA B 124 8.43 2.03 -19.25
C ALA B 124 7.49 2.60 -20.30
N LEU B 125 7.56 3.91 -20.50
CA LEU B 125 6.66 4.56 -21.44
C LEU B 125 6.77 3.96 -22.84
N TRP B 126 7.97 3.93 -23.41
CA TRP B 126 8.12 3.36 -24.74
C TRP B 126 7.73 1.88 -24.78
N SER B 127 7.89 1.20 -23.65
CA SER B 127 7.33 -0.14 -23.57
C SER B 127 5.84 -0.09 -23.89
N LEU B 128 5.11 0.78 -23.21
CA LEU B 128 3.69 0.98 -23.51
C LEU B 128 3.43 1.27 -25.00
N VAL B 129 4.31 2.07 -25.60
CA VAL B 129 4.14 2.42 -27.00
C VAL B 129 4.34 1.20 -27.87
N VAL B 130 5.45 0.50 -27.65
CA VAL B 130 5.73 -0.69 -28.44
C VAL B 130 4.59 -1.71 -28.34
N LEU B 131 4.12 -1.98 -27.12
CA LEU B 131 3.02 -2.90 -26.93
C LEU B 131 1.86 -2.59 -27.89
N ALA B 132 1.53 -1.32 -28.06
CA ALA B 132 0.47 -0.94 -28.98
C ALA B 132 0.89 -1.22 -30.42
N ILE B 133 2.10 -0.83 -30.82
CA ILE B 133 2.52 -1.16 -32.17
C ILE B 133 2.32 -2.66 -32.38
N GLU B 134 2.78 -3.44 -31.42
CA GLU B 134 2.70 -4.89 -31.56
C GLU B 134 1.25 -5.36 -31.65
N ARG B 135 0.42 -5.04 -30.66
CA ARG B 135 -0.99 -5.48 -30.71
C ARG B 135 -1.70 -5.06 -32.00
N TYR B 136 -1.42 -3.85 -32.46
CA TYR B 136 -1.97 -3.33 -33.70
C TYR B 136 -1.51 -4.17 -34.87
N VAL B 137 -0.21 -4.43 -34.91
CA VAL B 137 0.38 -5.26 -35.94
C VAL B 137 -0.26 -6.65 -36.04
N VAL B 138 -0.45 -7.35 -34.92
CA VAL B 138 -0.98 -8.71 -35.03
C VAL B 138 -2.48 -8.73 -35.27
N VAL B 139 -3.21 -7.79 -34.66
CA VAL B 139 -4.67 -7.75 -34.85
C VAL B 139 -5.08 -7.08 -36.15
N CYS B 140 -4.53 -5.91 -36.46
CA CYS B 140 -4.89 -5.23 -37.69
C CYS B 140 -4.21 -5.83 -38.91
N LYS B 141 -3.22 -6.68 -38.69
CA LYS B 141 -2.51 -7.36 -39.78
C LYS B 141 -2.18 -6.44 -40.95
N PRO B 142 -1.41 -5.38 -40.68
CA PRO B 142 -1.18 -4.37 -41.70
C PRO B 142 -0.20 -4.82 -42.77
N MET B 143 0.34 -6.04 -42.66
CA MET B 143 1.37 -6.48 -43.61
C MET B 143 1.02 -7.74 -44.42
N SER B 144 1.64 -7.89 -45.58
CA SER B 144 1.27 -8.97 -46.51
C SER B 144 1.26 -10.37 -45.87
N ASN B 145 2.43 -10.86 -45.50
CA ASN B 145 2.54 -12.20 -44.93
C ASN B 145 3.48 -12.18 -43.75
N PHE B 146 3.00 -11.65 -42.63
CA PHE B 146 3.85 -11.39 -41.47
C PHE B 146 3.38 -12.16 -40.26
N ARG B 147 4.33 -12.68 -39.49
CA ARG B 147 3.99 -13.35 -38.25
C ARG B 147 4.88 -12.87 -37.13
N PHE B 148 4.29 -12.15 -36.17
CA PHE B 148 5.07 -11.60 -35.06
C PHE B 148 5.71 -12.74 -34.28
N GLY B 149 7.01 -12.65 -34.04
CA GLY B 149 7.73 -13.68 -33.29
C GLY B 149 8.85 -13.15 -32.39
N GLU B 150 9.63 -14.07 -31.85
CA GLU B 150 10.72 -13.74 -30.92
C GLU B 150 11.60 -12.59 -31.41
N ASN B 151 12.22 -12.77 -32.57
CA ASN B 151 13.02 -11.71 -33.17
C ASN B 151 12.35 -10.35 -32.99
N HIS B 152 11.23 -10.15 -33.67
CA HIS B 152 10.44 -8.93 -33.49
C HIS B 152 10.32 -8.54 -32.01
N ALA B 153 9.73 -9.41 -31.22
CA ALA B 153 9.56 -9.17 -29.78
C ALA B 153 10.74 -8.42 -29.20
N ILE B 154 11.93 -8.94 -29.53
CA ILE B 154 13.21 -8.40 -29.07
C ILE B 154 13.49 -7.02 -29.65
N MET B 155 13.48 -6.91 -30.97
CA MET B 155 13.61 -5.62 -31.63
C MET B 155 12.98 -4.63 -30.70
N GLY B 156 11.69 -4.88 -30.45
CA GLY B 156 10.89 -4.04 -29.56
C GLY B 156 11.57 -3.64 -28.28
N VAL B 157 12.18 -4.59 -27.58
CA VAL B 157 12.75 -4.26 -26.29
C VAL B 157 13.97 -3.39 -26.51
N ALA B 158 14.81 -3.80 -27.46
CA ALA B 158 16.00 -3.03 -27.80
C ALA B 158 15.58 -1.61 -28.10
N PHE B 159 14.51 -1.49 -28.87
CA PHE B 159 14.03 -0.18 -29.28
C PHE B 159 13.68 0.70 -28.08
N THR B 160 12.98 0.15 -27.08
CA THR B 160 12.68 0.96 -25.89
C THR B 160 13.94 1.43 -25.17
N TRP B 161 15.02 0.65 -25.25
CA TRP B 161 16.24 1.03 -24.55
C TRP B 161 16.93 2.20 -25.25
N VAL B 162 16.98 2.12 -26.57
CA VAL B 162 17.58 3.17 -27.36
C VAL B 162 16.82 4.49 -27.19
N MET B 163 15.49 4.44 -27.23
CA MET B 163 14.72 5.67 -27.05
C MET B 163 14.98 6.27 -25.68
N ALA B 164 15.12 5.42 -24.67
CA ALA B 164 15.31 5.92 -23.32
C ALA B 164 16.72 6.45 -23.13
N LEU B 165 17.73 5.74 -23.64
CA LEU B 165 19.09 6.31 -23.62
C LEU B 165 19.06 7.68 -24.29
N ALA B 166 18.39 7.74 -25.44
CA ALA B 166 18.26 8.96 -26.24
C ALA B 166 17.62 10.08 -25.43
N CYS B 167 17.16 9.75 -24.25
CA CYS B 167 16.48 10.76 -23.47
C CYS B 167 17.19 11.02 -22.14
N ALA B 168 17.67 9.96 -21.49
CA ALA B 168 18.32 10.11 -20.17
C ALA B 168 19.81 10.42 -20.31
N ALA B 169 20.38 10.04 -21.43
CA ALA B 169 21.82 10.18 -21.65
C ALA B 169 22.27 11.63 -21.83
N PRO B 170 21.67 12.32 -22.81
CA PRO B 170 22.12 13.65 -23.19
C PRO B 170 22.38 14.58 -21.99
N PRO B 171 21.43 14.67 -21.04
CA PRO B 171 21.58 15.54 -19.87
C PRO B 171 22.81 15.21 -19.03
N LEU B 172 23.49 14.11 -19.33
CA LEU B 172 24.71 13.77 -18.61
C LEU B 172 25.88 14.44 -19.29
N VAL B 173 25.73 14.75 -20.56
CA VAL B 173 26.88 15.19 -21.33
C VAL B 173 26.67 16.45 -22.16
N GLY B 174 25.93 17.42 -21.63
CA GLY B 174 25.80 18.70 -22.32
C GLY B 174 24.40 19.21 -22.61
N TRP B 175 23.55 18.32 -23.08
CA TRP B 175 22.20 18.69 -23.46
C TRP B 175 21.24 18.59 -22.26
N SER B 176 20.74 19.74 -21.85
CA SER B 176 20.03 19.90 -20.60
C SER B 176 20.95 19.50 -19.46
N ARG B 177 20.39 18.92 -18.41
CA ARG B 177 21.11 18.79 -17.15
C ARG B 177 20.22 18.01 -16.18
N TYR B 178 20.81 17.58 -15.08
CA TYR B 178 20.00 17.07 -13.97
C TYR B 178 20.21 18.01 -12.81
N ILE B 179 19.19 18.17 -11.97
CA ILE B 179 19.31 19.00 -10.79
C ILE B 179 18.20 18.64 -9.85
N PRO B 180 18.40 18.89 -8.55
CA PRO B 180 17.32 18.63 -7.62
C PRO B 180 16.08 19.39 -8.10
N GLU B 181 14.92 18.80 -7.94
CA GLU B 181 13.69 19.46 -8.34
C GLU B 181 12.86 19.70 -7.07
N GLY B 182 11.73 20.37 -7.23
CA GLY B 182 10.77 20.56 -6.15
C GLY B 182 11.31 20.74 -4.75
N MET B 183 11.04 19.77 -3.88
CA MET B 183 11.50 19.86 -2.51
C MET B 183 12.99 19.59 -2.42
N GLN B 184 13.66 19.52 -3.58
CA GLN B 184 15.11 19.34 -3.67
C GLN B 184 15.66 17.96 -3.24
N CYS B 185 14.77 17.01 -2.97
CA CYS B 185 15.19 15.69 -2.52
C CYS B 185 15.47 14.72 -3.68
N SER B 186 14.74 14.86 -4.79
CA SER B 186 15.01 14.02 -5.94
C SER B 186 15.55 14.83 -7.11
N CYS B 187 16.25 14.16 -8.01
CA CYS B 187 16.85 14.83 -9.15
C CYS B 187 16.15 14.46 -10.46
N GLY B 188 15.94 15.43 -11.33
CA GLY B 188 15.28 15.19 -12.61
C GLY B 188 15.79 16.12 -13.70
N ILE B 189 15.27 15.97 -14.91
CA ILE B 189 15.65 16.86 -16.00
C ILE B 189 15.30 18.28 -15.64
N ASP B 190 16.15 19.23 -16.08
CA ASP B 190 15.88 20.64 -15.82
C ASP B 190 15.06 21.25 -16.95
N TYR B 191 13.77 21.42 -16.71
CA TYR B 191 12.86 21.90 -17.76
C TYR B 191 12.19 23.17 -17.29
N TYR B 192 12.89 23.94 -16.47
CA TYR B 192 12.35 25.19 -15.96
C TYR B 192 13.43 26.24 -15.68
N THR B 193 14.59 26.09 -16.31
CA THR B 193 15.66 27.08 -16.20
C THR B 193 16.27 27.33 -17.57
N PRO B 194 16.19 28.58 -18.05
CA PRO B 194 16.72 28.92 -19.37
C PRO B 194 18.21 28.60 -19.48
N HIS B 195 18.75 27.85 -18.52
CA HIS B 195 20.18 27.50 -18.51
C HIS B 195 20.69 27.26 -19.94
N GLU B 196 21.64 28.07 -20.37
CA GLU B 196 21.95 28.15 -21.80
C GLU B 196 23.24 27.44 -22.26
N GLU B 197 24.22 27.34 -21.36
CA GLU B 197 25.41 26.56 -21.69
C GLU B 197 25.00 25.10 -21.85
N THR B 198 23.69 24.84 -21.79
CA THR B 198 23.16 23.49 -21.95
C THR B 198 21.96 23.41 -22.90
N ASN B 199 21.50 24.55 -23.40
CA ASN B 199 20.35 24.59 -24.30
C ASN B 199 19.14 23.90 -23.69
N ASN B 200 18.80 24.27 -22.47
CA ASN B 200 17.65 23.66 -21.82
C ASN B 200 16.37 23.82 -22.62
N GLU B 201 16.34 24.79 -23.51
CA GLU B 201 15.14 25.05 -24.31
C GLU B 201 14.95 23.95 -25.35
N SER B 202 15.82 23.95 -26.36
CA SER B 202 15.69 22.96 -27.43
C SER B 202 15.46 21.55 -26.89
N PHE B 203 16.11 21.20 -25.80
CA PHE B 203 15.95 19.84 -25.29
C PHE B 203 14.51 19.59 -24.81
N VAL B 204 13.89 20.62 -24.25
CA VAL B 204 12.53 20.47 -23.75
C VAL B 204 11.55 20.34 -24.90
N ILE B 205 11.82 21.03 -26.00
CA ILE B 205 11.01 20.88 -27.19
C ILE B 205 11.21 19.46 -27.73
N TYR B 206 12.47 19.08 -27.89
CA TYR B 206 12.81 17.75 -28.34
C TYR B 206 12.08 16.70 -27.51
N MET B 207 12.04 16.92 -26.20
CA MET B 207 11.35 16.00 -25.28
C MET B 207 9.86 16.04 -25.48
N PHE B 208 9.31 17.25 -25.58
CA PHE B 208 7.88 17.43 -25.74
C PHE B 208 7.42 16.73 -27.00
N VAL B 209 8.11 17.03 -28.09
CA VAL B 209 7.75 16.49 -29.39
C VAL B 209 7.98 14.99 -29.49
N VAL B 210 9.22 14.57 -29.25
CA VAL B 210 9.64 13.19 -29.54
C VAL B 210 9.33 12.17 -28.45
N HIS B 211 9.17 12.62 -27.20
CA HIS B 211 8.89 11.68 -26.13
C HIS B 211 7.52 11.93 -25.47
N PHE B 212 6.72 12.77 -26.10
CA PHE B 212 5.34 12.91 -25.67
C PHE B 212 4.37 12.87 -26.84
N ILE B 213 4.46 13.87 -27.73
CA ILE B 213 3.55 13.92 -28.87
C ILE B 213 3.57 12.61 -29.65
N ILE B 214 4.74 12.24 -30.17
CA ILE B 214 4.87 11.02 -30.95
C ILE B 214 4.25 9.80 -30.25
N PRO B 215 4.78 9.43 -29.07
CA PRO B 215 4.12 8.38 -28.30
C PRO B 215 2.61 8.54 -28.28
N LEU B 216 2.14 9.74 -27.92
CA LEU B 216 0.70 10.02 -27.90
C LEU B 216 0.03 9.64 -29.20
N ILE B 217 0.60 10.13 -30.30
CA ILE B 217 0.05 9.85 -31.63
C ILE B 217 0.06 8.35 -31.97
N VAL B 218 1.22 7.70 -31.83
CA VAL B 218 1.31 6.26 -32.10
C VAL B 218 0.26 5.50 -31.32
N ILE B 219 0.25 5.62 -29.99
CA ILE B 219 -0.76 4.94 -29.15
C ILE B 219 -2.19 5.11 -29.65
N PHE B 220 -2.65 6.35 -29.82
CA PHE B 220 -4.01 6.59 -30.31
C PHE B 220 -4.28 5.95 -31.66
N PHE B 221 -3.42 6.20 -32.63
CA PHE B 221 -3.56 5.58 -33.93
C PHE B 221 -3.68 4.05 -33.79
N CYS B 222 -2.68 3.41 -33.19
CA CYS B 222 -2.66 1.95 -33.07
C CYS B 222 -3.89 1.37 -32.42
N TYR B 223 -4.24 1.87 -31.24
CA TYR B 223 -5.43 1.38 -30.57
C TYR B 223 -6.72 1.82 -31.28
N GLY B 224 -6.72 3.04 -31.81
CA GLY B 224 -7.87 3.48 -32.61
C GLY B 224 -8.21 2.42 -33.64
N GLN B 225 -7.27 2.14 -34.54
CA GLN B 225 -7.40 1.09 -35.54
C GLN B 225 -7.88 -0.25 -34.95
N LEU B 226 -7.18 -0.72 -33.93
CA LEU B 226 -7.47 -2.01 -33.32
C LEU B 226 -8.94 -2.09 -32.91
N VAL B 227 -9.40 -1.09 -32.16
CA VAL B 227 -10.81 -1.03 -31.76
C VAL B 227 -11.71 -0.99 -32.98
N PHE B 228 -11.27 -0.31 -34.02
CA PHE B 228 -12.02 -0.26 -35.25
C PHE B 228 -12.16 -1.66 -35.84
N THR B 229 -11.02 -2.29 -36.14
CA THR B 229 -10.96 -3.67 -36.63
C THR B 229 -11.81 -4.66 -35.82
N VAL B 230 -11.75 -4.55 -34.49
CA VAL B 230 -12.46 -5.50 -33.64
C VAL B 230 -13.97 -5.27 -33.69
N LYS B 231 -14.38 -4.00 -33.72
CA LYS B 231 -15.79 -3.67 -33.80
C LYS B 231 -16.36 -4.01 -35.17
N GLU B 232 -15.51 -3.92 -36.20
CA GLU B 232 -15.93 -4.25 -37.56
C GLU B 232 -16.17 -5.74 -37.70
N ALA B 233 -15.23 -6.53 -37.20
CA ALA B 233 -15.38 -7.99 -37.21
C ALA B 233 -16.64 -8.44 -36.46
N ALA B 234 -16.86 -7.92 -35.25
CA ALA B 234 -18.04 -8.28 -34.45
C ALA B 234 -19.35 -7.96 -35.17
N ALA B 235 -19.46 -6.76 -35.73
CA ALA B 235 -20.66 -6.40 -36.49
C ALA B 235 -20.96 -7.46 -37.53
N GLN B 236 -19.90 -8.08 -38.03
CA GLN B 236 -20.02 -9.11 -39.05
C GLN B 236 -20.24 -10.51 -38.46
N GLN B 237 -20.40 -10.58 -37.14
CA GLN B 237 -20.58 -11.87 -36.47
C GLN B 237 -21.45 -11.73 -35.22
N GLN B 238 -22.54 -10.99 -35.34
CA GLN B 238 -23.39 -10.70 -34.20
C GLN B 238 -24.09 -11.97 -33.71
N GLU B 239 -23.93 -13.04 -34.49
CA GLU B 239 -24.49 -14.35 -34.19
C GLU B 239 -23.89 -14.89 -32.88
N SER B 240 -22.70 -14.43 -32.52
CA SER B 240 -21.92 -15.03 -31.45
C SER B 240 -21.75 -14.18 -30.19
N ALA B 241 -22.48 -14.51 -29.12
CA ALA B 241 -22.40 -13.75 -27.87
C ALA B 241 -20.96 -13.54 -27.41
N THR B 242 -20.18 -14.62 -27.42
CA THR B 242 -18.77 -14.53 -27.06
C THR B 242 -18.10 -13.33 -27.74
N THR B 243 -18.10 -13.35 -29.07
CA THR B 243 -17.49 -12.26 -29.84
C THR B 243 -17.94 -10.86 -29.39
N GLN B 244 -19.24 -10.66 -29.27
CA GLN B 244 -19.75 -9.36 -28.82
C GLN B 244 -19.14 -9.04 -27.47
N LYS B 245 -19.01 -10.07 -26.62
CA LYS B 245 -18.39 -9.92 -25.30
C LYS B 245 -16.91 -9.54 -25.37
N ALA B 246 -16.12 -10.27 -26.17
CA ALA B 246 -14.71 -9.92 -26.39
C ALA B 246 -14.57 -8.49 -26.89
N GLU B 247 -15.36 -8.16 -27.90
CA GLU B 247 -15.34 -6.82 -28.46
C GLU B 247 -15.58 -5.78 -27.38
N LYS B 248 -16.68 -5.93 -26.65
CA LYS B 248 -17.04 -5.00 -25.57
C LYS B 248 -15.85 -4.82 -24.64
N GLU B 249 -15.23 -5.95 -24.31
CA GLU B 249 -14.13 -6.01 -23.37
C GLU B 249 -12.83 -5.39 -23.89
N VAL B 250 -12.47 -5.69 -25.13
CA VAL B 250 -11.27 -5.10 -25.73
C VAL B 250 -11.37 -3.60 -25.68
N THR B 251 -12.59 -3.09 -25.87
CA THR B 251 -12.76 -1.66 -25.94
C THR B 251 -12.58 -1.06 -24.57
N ARG B 252 -13.27 -1.62 -23.58
CA ARG B 252 -13.11 -1.16 -22.21
C ARG B 252 -11.61 -1.00 -21.91
N MET B 253 -10.82 -2.05 -22.13
CA MET B 253 -9.38 -1.98 -21.85
C MET B 253 -8.66 -0.86 -22.59
N VAL B 254 -8.88 -0.76 -23.90
CA VAL B 254 -8.19 0.25 -24.67
C VAL B 254 -8.44 1.64 -24.10
N ILE B 255 -9.68 1.90 -23.71
CA ILE B 255 -10.02 3.15 -23.05
C ILE B 255 -9.19 3.33 -21.79
N ILE B 256 -9.37 2.41 -20.84
CA ILE B 256 -8.57 2.35 -19.61
C ILE B 256 -7.08 2.58 -19.85
N MET B 257 -6.52 1.99 -20.90
CA MET B 257 -5.09 2.13 -21.17
C MET B 257 -4.73 3.53 -21.60
N VAL B 258 -5.52 4.06 -22.52
CA VAL B 258 -5.31 5.40 -23.04
C VAL B 258 -5.51 6.43 -21.96
N ILE B 259 -6.61 6.34 -21.21
CA ILE B 259 -6.83 7.25 -20.09
C ILE B 259 -5.67 7.18 -19.10
N ALA B 260 -5.29 5.96 -18.73
CA ALA B 260 -4.10 5.73 -17.89
C ALA B 260 -2.86 6.43 -18.43
N PHE B 261 -2.63 6.31 -19.73
CA PHE B 261 -1.44 6.92 -20.33
C PHE B 261 -1.48 8.43 -20.23
N LEU B 262 -2.66 9.01 -20.36
CA LEU B 262 -2.80 10.45 -20.28
C LEU B 262 -2.57 10.91 -18.84
N ILE B 263 -3.29 10.28 -17.90
CA ILE B 263 -3.18 10.63 -16.49
C ILE B 263 -1.73 10.62 -16.03
N CYS B 264 -0.88 9.98 -16.82
CA CYS B 264 0.49 9.81 -16.41
C CYS B 264 1.47 10.82 -16.97
N TRP B 265 1.20 11.36 -18.16
CA TRP B 265 2.16 12.24 -18.80
C TRP B 265 1.61 13.61 -19.14
N LEU B 266 0.30 13.68 -19.31
CA LEU B 266 -0.30 14.95 -19.67
C LEU B 266 0.10 16.00 -18.64
N PRO B 267 -0.12 15.72 -17.35
CA PRO B 267 0.31 16.66 -16.31
C PRO B 267 1.77 17.09 -16.46
N TYR B 268 2.69 16.14 -16.56
CA TYR B 268 4.11 16.50 -16.71
C TYR B 268 4.31 17.48 -17.88
N ALA B 269 3.74 17.14 -19.03
CA ALA B 269 3.85 17.97 -20.22
C ALA B 269 3.00 19.24 -20.12
N GLY B 270 1.99 19.22 -19.24
CA GLY B 270 1.13 20.38 -19.03
C GLY B 270 1.89 21.45 -18.28
N VAL B 271 2.55 21.03 -17.22
CA VAL B 271 3.41 21.93 -16.48
C VAL B 271 4.59 22.39 -17.34
N ALA B 272 5.27 21.45 -17.97
CA ALA B 272 6.37 21.79 -18.87
C ALA B 272 6.00 22.92 -19.84
N PHE B 273 5.05 22.65 -20.74
CA PHE B 273 4.68 23.61 -21.77
C PHE B 273 4.30 24.96 -21.20
N TYR B 274 3.71 24.94 -20.02
CA TYR B 274 3.31 26.16 -19.34
C TYR B 274 4.56 26.98 -18.96
N ILE B 275 5.44 26.39 -18.16
CA ILE B 275 6.71 27.03 -17.78
C ILE B 275 7.53 27.53 -18.99
N PHE B 276 7.60 26.70 -20.03
CA PHE B 276 8.23 27.12 -21.27
C PHE B 276 7.59 28.44 -21.72
N THR B 277 6.33 28.64 -21.35
CA THR B 277 5.61 29.87 -21.68
C THR B 277 5.60 30.89 -20.53
N HIS B 278 5.64 30.39 -19.30
CA HIS B 278 5.57 31.28 -18.13
C HIS B 278 6.90 31.38 -17.37
N GLN B 279 7.70 32.35 -17.79
CA GLN B 279 9.11 32.47 -17.46
C GLN B 279 9.46 32.72 -15.99
N GLY B 280 9.65 31.65 -15.23
CA GLY B 280 10.22 31.77 -13.90
C GLY B 280 9.34 32.54 -12.94
N SER B 281 8.03 32.49 -13.18
CA SER B 281 7.06 32.90 -12.20
C SER B 281 7.24 31.86 -11.12
N ASP B 282 7.21 32.26 -9.85
CA ASP B 282 7.60 31.32 -8.81
C ASP B 282 6.68 30.11 -8.71
N PHE B 283 7.18 28.96 -9.14
CA PHE B 283 6.49 27.71 -8.95
C PHE B 283 6.99 27.09 -7.65
N GLY B 284 6.18 27.15 -6.60
CA GLY B 284 6.58 26.55 -5.33
C GLY B 284 7.25 25.19 -5.50
N PRO B 285 8.00 24.76 -4.48
CA PRO B 285 8.58 23.42 -4.46
C PRO B 285 7.48 22.36 -4.50
N ILE B 286 6.32 22.73 -4.00
CA ILE B 286 5.15 21.85 -4.01
C ILE B 286 4.57 21.69 -5.42
N PHE B 287 4.07 22.80 -5.96
CA PHE B 287 3.57 22.87 -7.32
C PHE B 287 4.30 21.90 -8.23
N MET B 288 5.61 22.10 -8.38
CA MET B 288 6.38 21.32 -9.34
C MET B 288 6.42 19.83 -9.05
N THR B 289 5.98 19.45 -7.85
CA THR B 289 6.00 18.07 -7.38
C THR B 289 4.77 17.24 -7.83
N ILE B 290 3.78 17.89 -8.45
CA ILE B 290 2.58 17.17 -8.90
C ILE B 290 2.79 16.48 -10.25
N PRO B 291 3.44 17.19 -11.20
CA PRO B 291 3.77 16.49 -12.43
C PRO B 291 4.55 15.20 -12.14
N ALA B 292 5.24 15.17 -11.00
CA ALA B 292 6.06 14.02 -10.64
C ALA B 292 5.26 12.93 -9.93
N PHE B 293 4.28 13.32 -9.11
CA PHE B 293 3.40 12.37 -8.43
C PHE B 293 2.70 11.50 -9.46
N PHE B 294 1.99 12.15 -10.39
CA PHE B 294 1.20 11.41 -11.36
C PHE B 294 2.06 10.39 -12.12
N ALA B 295 3.25 10.82 -12.54
CA ALA B 295 4.17 9.93 -13.24
C ALA B 295 4.68 8.79 -12.35
N LYS B 296 5.34 9.15 -11.26
CA LYS B 296 5.93 8.15 -10.39
C LYS B 296 4.91 7.11 -9.98
N THR B 297 3.73 7.52 -9.55
CA THR B 297 2.82 6.51 -9.03
C THR B 297 2.40 5.49 -10.11
N SER B 298 2.90 5.67 -11.32
CA SER B 298 2.53 4.80 -12.42
C SER B 298 3.23 3.46 -12.28
N ALA B 299 4.37 3.47 -11.60
CA ALA B 299 5.14 2.24 -11.42
C ALA B 299 4.30 1.23 -10.69
N VAL B 300 3.20 1.70 -10.10
CA VAL B 300 2.27 0.81 -9.44
C VAL B 300 1.05 0.51 -10.33
N TYR B 301 0.40 1.53 -10.86
CA TYR B 301 -0.82 1.25 -11.64
C TYR B 301 -0.60 0.59 -13.02
N ASN B 302 0.43 0.99 -13.76
CA ASN B 302 0.77 0.31 -15.02
C ASN B 302 0.67 -1.23 -14.93
N PRO B 303 1.42 -1.84 -14.00
CA PRO B 303 1.37 -3.30 -13.74
C PRO B 303 -0.02 -3.82 -13.36
N VAL B 304 -0.76 -3.06 -12.56
CA VAL B 304 -2.11 -3.49 -12.21
C VAL B 304 -2.93 -3.55 -13.49
N ILE B 305 -2.85 -2.49 -14.28
CA ILE B 305 -3.60 -2.41 -15.54
C ILE B 305 -3.15 -3.42 -16.60
N TYR B 306 -1.91 -3.29 -17.09
CA TYR B 306 -1.32 -4.12 -18.15
C TYR B 306 -0.93 -5.56 -17.78
N ILE B 307 -1.10 -5.96 -16.53
CA ILE B 307 -0.65 -7.29 -16.16
C ILE B 307 -1.64 -7.95 -15.21
N MET B 308 -1.76 -7.41 -13.99
CA MET B 308 -2.70 -7.95 -12.99
C MET B 308 -4.08 -8.16 -13.58
N MET B 309 -4.40 -7.42 -14.62
CA MET B 309 -5.76 -7.39 -15.11
C MET B 309 -6.13 -8.50 -16.07
N ASN B 310 -5.15 -9.25 -16.56
CA ASN B 310 -5.45 -10.41 -17.40
C ASN B 310 -5.69 -11.65 -16.55
N LYS B 311 -6.87 -12.26 -16.70
CA LYS B 311 -7.25 -13.45 -15.93
C LYS B 311 -6.19 -14.55 -15.91
N GLN B 312 -5.33 -14.59 -16.93
CA GLN B 312 -4.30 -15.62 -17.01
C GLN B 312 -3.21 -15.43 -15.95
N PHE B 313 -2.32 -14.47 -16.16
CA PHE B 313 -1.29 -14.16 -15.18
C PHE B 313 -1.90 -14.26 -13.77
N ARG B 314 -3.00 -13.56 -13.59
CA ARG B 314 -3.71 -13.57 -12.33
C ARG B 314 -3.81 -14.98 -11.75
N ASN B 315 -4.15 -15.96 -12.59
CA ASN B 315 -4.26 -17.35 -12.13
C ASN B 315 -2.92 -17.89 -11.68
N CYS B 316 -1.90 -17.63 -12.49
CA CYS B 316 -0.57 -18.07 -12.14
C CYS B 316 -0.17 -17.49 -10.79
N MET B 317 -0.32 -16.18 -10.67
CA MET B 317 -0.04 -15.50 -9.41
C MET B 317 -0.61 -16.27 -8.22
N VAL B 318 -1.86 -16.70 -8.33
CA VAL B 318 -2.50 -17.41 -7.24
C VAL B 318 -1.71 -18.66 -6.93
N THR B 319 -1.50 -19.48 -7.95
CA THR B 319 -0.75 -20.73 -7.82
C THR B 319 0.57 -20.42 -7.15
N THR B 320 1.35 -19.54 -7.77
CA THR B 320 2.66 -19.20 -7.25
C THR B 320 2.58 -18.85 -5.77
N LEU B 321 1.91 -17.74 -5.45
CA LEU B 321 1.79 -17.29 -4.08
C LEU B 321 1.21 -18.35 -3.14
N CYS B 322 0.28 -19.15 -3.60
CA CYS B 322 -0.26 -20.21 -2.75
C CYS B 322 0.56 -21.49 -2.76
N CYS B 323 1.89 -21.33 -2.72
CA CYS B 323 2.83 -22.43 -2.50
C CYS B 323 2.68 -23.64 -3.42
N GLY B 324 2.17 -23.43 -4.61
CA GLY B 324 2.16 -24.50 -5.59
C GLY B 324 0.85 -24.83 -6.24
N LYS B 325 -0.24 -24.77 -5.49
CA LYS B 325 -1.53 -25.10 -6.07
C LYS B 325 -2.70 -24.45 -5.36
N ASN B 326 -3.77 -24.23 -6.12
CA ASN B 326 -4.97 -23.60 -5.59
C ASN B 326 -5.54 -22.55 -6.54
C1 NAG C . 13.93 15.17 33.66
C2 NAG C . 12.53 15.62 34.07
C3 NAG C . 12.41 17.13 33.95
C4 NAG C . 13.57 17.86 34.64
C5 NAG C . 14.92 17.22 34.29
C6 NAG C . 15.99 17.74 35.23
C7 NAG C . 10.39 14.44 33.72
C8 NAG C . 9.62 13.59 32.74
N2 NAG C . 11.51 15.00 33.24
O3 NAG C . 11.19 17.54 34.53
O4 NAG C . 13.55 19.19 34.18
O5 NAG C . 14.89 15.82 34.45
O6 NAG C . 15.78 17.18 36.51
O7 NAG C . 9.97 14.58 34.87
C1 NAG C . 13.45 20.19 35.21
C2 NAG C . 13.92 21.50 34.60
C3 NAG C . 13.94 22.60 35.63
C4 NAG C . 12.55 22.71 36.24
C5 NAG C . 12.14 21.37 36.81
C6 NAG C . 10.73 21.53 37.36
C7 NAG C . 15.43 21.03 32.76
C8 NAG C . 16.83 20.66 32.38
N2 NAG C . 15.26 21.38 34.04
O3 NAG C . 14.29 23.78 34.97
O4 NAG C . 12.55 23.65 37.28
O5 NAG C . 12.16 20.37 35.79
O6 NAG C . 10.31 20.33 37.98
O7 NAG C . 14.51 21.02 31.94
C1 BMA C . 12.45 25.02 36.80
C2 BMA C . 11.62 25.83 37.76
C3 BMA C . 11.56 27.32 37.42
C4 BMA C . 12.38 27.74 36.19
C5 BMA C . 13.64 26.91 35.93
C6 BMA C . 14.88 27.75 36.22
O2 BMA C . 12.25 25.77 39.05
O3 BMA C . 12.09 28.03 38.54
O4 BMA C . 11.57 27.78 35.01
O5 BMA C . 13.70 25.70 36.69
O6 BMA C . 16.01 27.16 35.57
C1 BMA C . 11.07 28.40 39.52
C2 BMA C . 9.71 27.77 39.21
C3 BMA C . 8.69 28.19 40.28
C4 BMA C . 9.26 27.82 41.65
C5 BMA C . 10.56 28.60 41.83
C6 BMA C . 11.14 28.43 43.23
O2 BMA C . 9.81 26.35 39.21
O3 BMA C . 7.44 27.54 40.06
O4 BMA C . 8.32 28.10 42.68
O5 BMA C . 11.47 28.10 40.86
O6 BMA C . 11.66 27.09 43.40
C1 NAG D . 17.87 -0.89 33.73
C2 NAG D . 16.89 -1.64 34.63
C3 NAG D . 17.57 -2.82 35.28
C4 NAG D . 18.31 -3.69 34.28
C5 NAG D . 18.93 -2.97 33.08
C6 NAG D . 18.88 -3.90 31.87
C7 NAG D . 15.10 -1.02 36.15
C8 NAG D . 14.96 -2.27 36.99
N2 NAG D . 16.31 -0.80 35.66
O3 NAG D . 16.59 -3.59 35.94
O4 NAG D . 19.35 -4.35 34.97
O5 NAG D . 18.30 -1.75 32.70
O6 NAG D . 19.91 -3.56 30.97
O7 NAG D . 14.14 -0.26 35.95
C1 NAG D . 18.94 -5.69 35.29
C2 NAG D . 19.98 -6.68 34.80
C3 NAG D . 19.42 -8.08 34.96
C4 NAG D . 18.99 -8.30 36.40
C5 NAG D . 18.19 -7.14 37.01
C6 NAG D . 18.16 -7.25 38.52
C7 NAG D . 21.65 -6.36 33.06
C8 NAG D . 22.14 -5.13 32.35
N2 NAG D . 20.36 -6.40 33.42
O3 NAG D . 20.40 -9.03 34.59
O4 NAG D . 18.18 -9.46 36.48
O5 NAG D . 18.76 -5.89 36.67
O6 NAG D . 16.85 -7.54 38.96
O7 NAG D . 22.42 -7.29 33.29
C1 NAG E . 21.91 32.94 0.84
C2 NAG E . 23.14 32.29 0.17
C3 NAG E . 24.27 32.05 1.15
C4 NAG E . 24.64 33.33 1.88
C5 NAG E . 23.39 34.09 2.37
C6 NAG E . 23.78 35.53 2.66
C7 NAG E . 23.10 31.10 -1.88
C8 NAG E . 23.12 32.45 -2.55
N2 NAG E . 22.85 31.06 -0.56
O3 NAG E . 25.40 31.58 0.43
O4 NAG E . 25.41 32.99 3.01
O5 NAG E . 22.32 34.14 1.44
O6 NAG E . 24.10 36.18 1.43
O7 NAG E . 23.32 30.11 -2.58
C1 NAG E . 26.74 33.57 3.11
C2 NAG E . 27.21 33.46 4.54
C3 NAG E . 28.55 34.14 4.68
C4 NAG E . 29.56 33.52 3.74
C5 NAG E . 29.01 33.57 2.32
C6 NAG E . 29.99 32.88 1.36
C7 NAG E . 25.18 33.29 5.76
C8 NAG E . 23.98 33.97 6.34
N2 NAG E . 26.26 34.00 5.51
O3 NAG E . 29.03 34.01 6.00
O4 NAG E . 30.81 34.21 3.82
O5 NAG E . 27.72 32.97 2.26
O6 NAG E . 29.72 33.15 -0.06
O7 NAG E . 25.14 32.08 5.51
C1 BMA E . 31.63 33.83 4.96
C2 BMA E . 33.12 33.99 4.67
C3 BMA E . 33.98 33.61 5.89
C4 BMA E . 33.18 33.22 7.15
C5 BMA E . 31.82 33.91 7.32
C6 BMA E . 31.78 34.79 8.57
O2 BMA E . 33.33 35.35 4.30
O3 BMA E . 34.88 34.71 6.21
O4 BMA E . 32.91 31.80 7.17
O5 BMA E . 31.42 34.63 6.14
O6 BMA E . 30.46 35.35 8.68
C1 BMA E . 35.92 34.94 5.21
C2 BMA E . 36.38 33.67 4.52
C3 BMA E . 37.48 33.98 3.49
C4 BMA E . 37.85 35.46 3.53
C5 BMA E . 36.63 36.37 3.42
C6 BMA E . 36.16 36.47 1.98
O2 BMA E . 35.27 33.02 3.90
O3 BMA E . 37.10 33.64 2.15
O4 BMA E . 38.56 35.73 4.73
O5 BMA E . 35.54 35.90 4.23
O6 BMA E . 35.95 37.85 1.66
C1 NAG F . 8.41 36.04 -8.44
C2 NAG F . 8.97 36.02 -9.88
C3 NAG F . 8.36 37.14 -10.75
C4 NAG F . 6.82 37.11 -10.64
C5 NAG F . 6.50 37.26 -9.16
C6 NAG F . 5.01 37.42 -8.90
C7 NAG F . 11.16 35.54 -10.89
C8 NAG F . 12.20 34.53 -10.48
N2 NAG F . 10.42 36.09 -9.92
O3 NAG F . 8.84 36.96 -12.07
O4 NAG F . 6.23 38.15 -11.40
O5 NAG F . 7.00 36.12 -8.47
O6 NAG F . 4.49 36.19 -8.43
O7 NAG F . 10.99 35.84 -12.08
C1 NAG F . 5.12 37.68 -12.20
C2 NAG F . 3.79 38.12 -11.55
C3 NAG F . 2.75 38.86 -12.40
C4 NAG F . 3.09 38.98 -13.88
C5 NAG F . 4.06 37.89 -14.31
C6 NAG F . 4.31 37.94 -15.83
C7 NAG F . 1.94 37.07 -10.40
C8 NAG F . 1.05 35.85 -10.45
N2 NAG F . 3.14 36.95 -10.96
O3 NAG F . 2.55 40.16 -11.86
O4 NAG F . 1.90 38.91 -14.64
O5 NAG F . 5.24 38.06 -13.57
O6 NAG F . 5.51 38.64 -16.10
O7 NAG F . 1.57 38.12 -9.87
C1 BGL G . 0.40 -32.88 24.21
O1 BGL G . 1.45 -32.93 23.24
C2 BGL G . 0.49 -31.58 25.02
O2 BGL G . 1.63 -31.60 25.90
C3 BGL G . -0.80 -31.35 25.83
O3 BGL G . -1.48 -30.20 25.33
C4 BGL G . -1.75 -32.57 25.83
O4 BGL G . -1.29 -33.55 26.77
C5 BGL G . -1.95 -33.21 24.46
O5 BGL G . -0.87 -32.95 23.56
C6 BGL G . -3.26 -32.75 23.83
O6 BGL G . -3.82 -33.80 23.04
C1' BGL G . 2.20 -30.31 26.10
C2' BGL G . 3.72 -30.35 25.92
C3' BGL G . 4.12 -30.10 24.46
C4' BGL G . 4.08 -31.39 23.65
C5' BGL G . 3.79 -31.12 22.17
C6' BGL G . 3.44 -32.41 21.41
C7' BGL G . 3.70 -32.26 19.92
C8' BGL G . 4.06 -33.61 19.31
C1 BGL H . 20.22 2.97 14.05
O1 BGL H . 21.60 3.31 13.86
C2 BGL H . 19.80 1.87 13.08
O2 BGL H . 20.01 2.22 11.69
C3 BGL H . 18.32 1.57 13.33
O3 BGL H . 17.83 0.49 12.50
C4 BGL H . 18.09 1.19 14.78
O4 BGL H . 16.67 0.99 14.93
C5 BGL H . 18.63 2.29 15.71
O5 BGL H . 20.00 2.55 15.40
C6 BGL H . 18.46 1.90 17.18
O6 BGL H . 17.08 2.08 17.52
C1' BGL H . 20.84 3.37 11.46
C2' BGL H . 20.75 3.80 9.99
C3' BGL H . 21.79 4.88 9.64
C4' BGL H . 21.40 6.25 10.21
C5' BGL H . 22.55 7.25 10.22
C6' BGL H . 22.32 8.43 11.19
C7' BGL H . 22.30 7.98 12.66
C8' BGL H . 20.92 7.58 13.18
C1 BGL I . -4.42 -34.05 7.56
O1 BGL I . -4.34 -34.70 8.84
C2 BGL I . -4.05 -32.57 7.66
O2 BGL I . -4.91 -31.93 8.60
C3 BGL I . -4.20 -31.94 6.28
O3 BGL I . -3.77 -30.57 6.30
C4 BGL I . -3.42 -32.71 5.23
O4 BGL I . -3.78 -32.23 3.93
C5 BGL I . -3.74 -34.21 5.30
O5 BGL I . -3.54 -34.69 6.64
C6 BGL I . -2.86 -35.00 4.35
O6 BGL I . -2.60 -36.28 4.91
C1' BGL I . -4.50 -30.59 8.92
C2' BGL I . -5.04 -30.20 10.30
C3' BGL I . -5.62 -28.80 10.31
C4' BGL I . -6.47 -28.57 11.55
C5' BGL I . -6.31 -27.13 12.05
C6' BGL I . -7.61 -26.60 12.64
C7' BGL I . -7.41 -26.20 14.09
C8' BGL I . -5.95 -26.40 14.46
C1 BGL J . 4.17 22.52 14.71
O1 BGL J . 3.03 22.69 13.84
C2 BGL J . 5.10 21.38 14.27
O2 BGL J . 4.41 20.15 14.00
C3 BGL J . 6.12 21.27 15.39
O3 BGL J . 6.89 20.06 15.31
C4 BGL J . 6.96 22.53 15.28
O4 BGL J . 8.07 22.50 16.18
C5 BGL J . 6.08 23.73 15.60
O5 BGL J . 4.91 23.75 14.77
C6 BGL J . 6.85 25.03 15.40
O6 BGL J . 6.76 25.84 16.59
C1' BGL J . 3.59 20.25 12.82
C2' BGL J . 2.97 18.90 12.48
C3' BGL J . 1.92 19.00 11.37
C4' BGL J . 1.38 17.62 10.99
C5' BGL J . 0.31 17.69 9.89
C6' BGL J . -0.20 16.29 9.55
C7' BGL J . -0.88 16.22 8.19
C8' BGL J . -1.16 14.79 7.77
C1 PLM K . -12.77 -1.97 -14.11
O2 PLM K . -11.68 -2.57 -14.37
C2 PLM K . -12.81 -0.46 -14.04
C3 PLM K . -11.63 0.07 -13.24
C4 PLM K . -10.28 -0.09 -13.96
C5 PLM K . -9.20 -0.67 -13.04
C6 PLM K . -7.85 0.02 -13.22
C7 PLM K . -7.49 0.86 -11.99
C8 PLM K . -6.29 0.32 -11.23
C9 PLM K . -5.61 1.42 -10.41
CA PLM K . -4.47 0.88 -9.54
CB PLM K . -3.38 1.93 -9.33
CC PLM K . -3.38 2.44 -7.88
CD PLM K . -2.32 3.52 -7.66
CE PLM K . -2.08 3.75 -6.17
CF PLM K . -1.50 5.14 -5.91
CG PLM K . -0.11 5.02 -5.29
C1 BGL L . 19.66 14.72 12.26
O1 BGL L . 18.27 14.37 12.23
C2 BGL L . 20.39 14.28 10.99
O2 BGL L . 20.17 12.91 10.71
C3 BGL L . 21.87 14.54 11.20
O3 BGL L . 22.61 14.09 10.06
C4 BGL L . 22.09 16.03 11.47
O4 BGL L . 23.46 16.28 11.82
C5 BGL L . 21.18 16.53 12.59
O5 BGL L . 19.81 16.13 12.40
C6 BGL L . 21.27 18.05 12.73
O6 BGL L . 21.36 18.41 14.12
C1' BGL L . 19.66 12.66 9.39
C2' BGL L . 19.81 11.16 9.12
C3' BGL L . 18.55 10.52 8.54
C4' BGL L . 18.69 8.99 8.46
C5' BGL L . 17.96 8.38 7.26
C6' BGL L . 18.04 6.84 7.27
C7' BGL L . 17.07 6.22 6.28
C8' BGL L . 16.22 5.13 6.91
C1 BGL M . 1.21 23.21 1.82
O1 BGL M . 1.75 21.94 1.47
C2 BGL M . 0.52 23.10 3.19
O2 BGL M . -0.70 22.37 3.00
C3 BGL M . 0.27 24.48 3.84
O3 BGL M . -0.16 24.37 5.21
C4 BGL M . 1.54 25.31 3.76
O4 BGL M . 1.36 26.57 4.39
C5 BGL M . 1.86 25.47 2.29
O5 BGL M . 2.26 24.19 1.83
C6 BGL M . 0.62 25.90 1.51
O6 BGL M . 0.94 27.00 0.64
C1' BGL M . -0.67 21.59 1.81
C2' BGL M . -0.39 20.12 2.11
C3' BGL M . 0.72 19.57 1.21
C4' BGL M . 0.79 18.04 1.22
C5' BGL M . 2.22 17.56 1.44
C6' BGL M . 3.18 17.99 0.33
C7' BGL M . 4.55 17.34 0.47
C8' BGL M . 4.65 15.99 -0.22
C1 PLM N . -3.10 -19.15 -0.20
O2 PLM N . -4.30 -19.10 0.12
C2 PLM N . -2.00 -18.85 0.82
C3 PLM N . -1.71 -17.36 0.89
C4 PLM N . -2.98 -16.56 1.18
C5 PLM N . -2.96 -15.96 2.59
C6 PLM N . -3.20 -14.46 2.55
C7 PLM N . -1.88 -13.69 2.51
C8 PLM N . -2.08 -12.20 2.20
C9 PLM N . -1.90 -11.34 3.45
CA PLM N . -1.75 -9.87 3.09
CB PLM N . -1.36 -9.08 4.33
CC PLM N . -0.62 -7.78 3.99
CD PLM N . -0.37 -6.90 5.22
CE PLM N . 0.88 -6.03 5.06
CF PLM N . 2.03 -6.49 5.96
CG PLM N . 3.24 -7.10 5.24
#